data_1PIV
#
_entry.id   1PIV
#
_cell.length_a   321.060
_cell.length_b   358.620
_cell.length_c   381.820
_cell.angle_alpha   90.00
_cell.angle_beta   90.00
_cell.angle_gamma   90.00
#
_symmetry.space_group_name_H-M   'I 2 2 2'
#
loop_
_entity.id
_entity.type
_entity.pdbx_description
1 polymer 'POLIOVIRUS TYPE 3 (SUBUNIT VP1)'
2 polymer 'POLIOVIRUS TYPE 3 (SUBUNIT VP1)'
3 polymer 'POLIOVIRUS TYPE 3 (SUBUNIT VP2)'
4 polymer 'POLIOVIRUS TYPE 3 (SUBUNIT VP3)'
5 polymer 'POLIOVIRUS TYPE 3 (SUBUNIT VP4)'
6 non-polymer '5-(7-(4-(4,5-DIHYDRO-2-OXAZOLYL)PHENOXY)HEPTYL)-3-METHYL ISOXAZOLE'
7 non-polymer 'MYRISTIC ACID'
#
loop_
_entity_poly.entity_id
_entity_poly.type
_entity_poly.pdbx_seq_one_letter_code
_entity_poly.pdbx_strand_id
1 'polypeptide(L)' ISEV 0
2 'polypeptide(L)'
;QGIEDLISEVAQGALTLSLPKQQDSLPDTKASGPAHSKEVPALTAVETGATNPLAPSDTVQTRHVVQRRSRSESTIESFF
ARGACVAIIEVDNEQPTTRAQKLFAMWRITYKDTVQLRRKLEFFTYSRFDMEFTFVVTANFTNANNGHALNQVYQIMYIP
PGAPTPKSWDDYTWQTSSNPSIFYTYGAAPARISVPYVGLANAYSHFYDGFAKVPLKTDANDQIGDSLYSAMTVDDFGVL
AVRVVNDHNPTKVTSKVRIYMKPKHVRVWCPRPPRAVPYYGPGVDYRNNLDPLSEKGLTTY
;
1
3 'polypeptide(L)'
;SPNVEACGYSDRVLQLTLGNSTITTQEAANSVVAYGRWPEFIRDDEANPVDQPTEPDVATCRFYTLDTVMWGKESKGWWW
KLPDALRDMGLFGQNMYYHYLGRSGYTVHVQCNASKFHQGALGVFAIPEYCLAGDSDKQRYTSYANANPGERGGKFYSQF
NKDNAVTSPKREFCPVDYLLGCGVLLGNAFVYPHQIINLRTNNSATIVLPYVNALAIDSMVKHNNWGIAILPLSPLDFAQ
DSSVEIPITVTIAPMCSEFNGLRNVTAPKFQ
;
2
4 'polypeptide(L)'
;GLPVLNTPGSNQYLTSDNHQSPCAIPEFDVTPPIDIPGEVKNMMELAEIDTMIPLNLESTKRNTMDMYRVTLSDSADLSQ
PILCLSLSPAFDPRLSHTMLGEVLNYYTHWAGSLKFTFLFCGSMMATGKILVAYAPPGAQPPTSRKEAMLGTHVIWDLGL
QSSCTMVVPWISNVTYRQTTQDSFTEGGYISMFYQTRIVVPLSTPKSMSMLGFVSACNDFSVRLLRDTTHISQSALPQ
;
3
5 'polypeptide(L)' GAQVSSQKVGAHENSNRAYGGSTINYTTINYYKDSASNAASKQDYSQDPSKFTEPLKDVLIKTAPALN 4
#
loop_
_chem_comp.id
_chem_comp.type
_chem_comp.name
_chem_comp.formula
MYR non-polymer 'MYRISTIC ACID' 'C14 H28 O2'
W71 non-polymer '5-(7-(4-(4,5-DIHYDRO-2-OXAZOLYL)PHENOXY)HEPTYL)-3-METHYL ISOXAZOLE' 'C20 H26 N2 O3'
#
# COMPACT_ATOMS: atom_id res chain seq x y z
N ILE A 1 -41.86 7.20 -4.41
CA ILE A 1 -40.55 7.55 -3.85
C ILE A 1 -39.89 6.38 -3.13
N SER A 2 -38.64 6.54 -2.71
CA SER A 2 -37.96 5.51 -1.93
C SER A 2 -37.32 6.08 -0.66
N GLU A 3 -37.98 5.80 0.46
CA GLU A 3 -37.55 6.23 1.80
C GLU A 3 -36.68 5.22 2.53
N VAL A 4 -35.39 5.50 2.72
CA VAL A 4 -34.51 4.59 3.43
C VAL A 4 -34.05 4.99 4.83
N GLN B 23 -26.33 3.39 12.38
CA GLN B 23 -25.36 3.33 13.46
C GLN B 23 -24.00 2.84 12.97
N ASP B 24 -23.02 3.71 13.10
CA ASP B 24 -21.67 3.45 12.63
C ASP B 24 -20.58 3.71 13.66
N SER B 25 -21.00 3.73 14.91
CA SER B 25 -20.07 4.03 15.98
C SER B 25 -19.22 2.83 16.33
N LEU B 26 -18.07 3.17 16.87
CA LEU B 26 -17.11 2.16 17.31
C LEU B 26 -17.51 1.40 18.58
N PRO B 27 -16.90 0.26 18.91
CA PRO B 27 -17.29 -0.50 20.08
C PRO B 27 -17.14 0.17 21.44
N ASP B 28 -18.16 0.04 22.28
CA ASP B 28 -18.10 0.49 23.65
C ASP B 28 -16.95 -0.19 24.41
N THR B 29 -16.28 0.55 25.30
CA THR B 29 -15.30 -0.05 26.17
C THR B 29 -16.01 -0.74 27.32
N LYS B 30 -15.61 -2.00 27.52
CA LYS B 30 -16.17 -2.79 28.61
C LYS B 30 -15.48 -2.63 29.95
N ALA B 31 -16.28 -2.57 31.03
CA ALA B 31 -15.71 -2.48 32.36
C ALA B 31 -14.93 -3.77 32.65
N SER B 32 -13.64 -3.63 32.88
CA SER B 32 -12.77 -4.77 33.14
C SER B 32 -12.04 -4.72 34.48
N GLY B 33 -12.09 -5.82 35.21
CA GLY B 33 -11.52 -5.89 36.55
C GLY B 33 -10.12 -6.48 36.67
N PRO B 34 -9.67 -6.83 37.88
CA PRO B 34 -8.38 -7.47 38.12
C PRO B 34 -8.30 -8.88 37.56
N ALA B 35 -7.11 -9.35 37.26
CA ALA B 35 -6.95 -10.72 36.79
C ALA B 35 -5.82 -11.51 37.45
N HIS B 36 -6.06 -12.78 37.73
CA HIS B 36 -5.01 -13.70 38.20
C HIS B 36 -5.27 -15.02 37.48
N SER B 37 -4.90 -15.13 36.21
CA SER B 37 -5.26 -16.33 35.42
C SER B 37 -4.23 -16.91 34.45
N LYS B 38 -4.54 -18.10 33.94
CA LYS B 38 -3.71 -18.75 32.94
C LYS B 38 -3.94 -18.27 31.49
N GLU B 39 -4.90 -17.36 31.31
CA GLU B 39 -5.13 -16.71 30.04
C GLU B 39 -4.19 -15.51 29.91
N VAL B 40 -3.33 -15.47 28.90
CA VAL B 40 -2.30 -14.43 28.81
C VAL B 40 -2.33 -13.55 27.54
N PRO B 41 -3.36 -12.72 27.28
CA PRO B 41 -3.51 -11.97 26.01
C PRO B 41 -2.32 -11.04 25.63
N ALA B 42 -1.62 -10.54 26.65
CA ALA B 42 -0.43 -9.73 26.48
C ALA B 42 0.72 -10.45 25.77
N LEU B 43 0.80 -11.77 25.88
CA LEU B 43 1.83 -12.54 25.20
C LEU B 43 1.37 -13.08 23.86
N THR B 44 2.28 -13.08 22.89
CA THR B 44 1.97 -13.52 21.53
C THR B 44 3.19 -13.87 20.67
N ALA B 45 2.99 -14.17 19.38
CA ALA B 45 4.09 -14.43 18.48
C ALA B 45 3.91 -13.83 17.07
N VAL B 46 4.40 -12.62 16.82
CA VAL B 46 4.25 -11.97 15.52
C VAL B 46 4.85 -12.67 14.30
N GLU B 47 5.62 -13.73 14.52
CA GLU B 47 6.14 -14.59 13.46
C GLU B 47 5.02 -15.24 12.62
N THR B 48 3.89 -15.49 13.29
CA THR B 48 2.71 -16.03 12.63
C THR B 48 2.16 -15.24 11.47
N GLY B 49 2.45 -13.96 11.42
CA GLY B 49 1.89 -13.09 10.40
C GLY B 49 0.70 -12.26 10.91
N ALA B 50 0.11 -12.62 12.04
CA ALA B 50 -1.01 -11.90 12.63
C ALA B 50 -0.73 -10.80 13.65
N THR B 51 -1.63 -9.85 13.74
CA THR B 51 -1.54 -8.71 14.64
C THR B 51 -2.38 -9.02 15.86
N ASN B 52 -1.86 -8.82 17.07
CA ASN B 52 -2.58 -9.17 18.30
C ASN B 52 -3.89 -8.39 18.51
N PRO B 53 -5.09 -9.00 18.52
CA PRO B 53 -6.39 -8.30 18.61
C PRO B 53 -6.66 -7.70 19.99
N LEU B 54 -5.77 -6.91 20.56
CA LEU B 54 -6.03 -6.46 21.93
C LEU B 54 -6.72 -5.12 22.15
N ALA B 55 -7.51 -5.17 23.20
CA ALA B 55 -8.20 -4.00 23.69
C ALA B 55 -7.62 -3.56 25.04
N PRO B 56 -7.69 -2.29 25.49
CA PRO B 56 -7.23 -1.90 26.83
C PRO B 56 -7.70 -2.79 27.99
N SER B 57 -8.95 -3.25 27.94
CA SER B 57 -9.47 -4.21 28.93
C SER B 57 -8.73 -5.54 29.04
N ASP B 58 -7.87 -5.88 28.08
CA ASP B 58 -7.05 -7.08 28.14
C ASP B 58 -5.77 -6.96 28.97
N THR B 59 -5.29 -5.75 29.15
CA THR B 59 -4.08 -5.54 29.93
C THR B 59 -4.22 -4.53 31.07
N VAL B 60 -5.29 -3.73 31.13
CA VAL B 60 -5.50 -2.78 32.23
C VAL B 60 -6.93 -2.78 32.76
N GLN B 61 -7.15 -2.36 34.00
CA GLN B 61 -8.52 -2.21 34.47
C GLN B 61 -9.19 -1.01 33.81
N THR B 62 -10.29 -1.31 33.15
CA THR B 62 -11.05 -0.31 32.42
C THR B 62 -12.45 -0.04 32.92
N ARG B 63 -12.96 1.17 32.69
CA ARG B 63 -14.37 1.45 33.00
C ARG B 63 -15.31 1.17 31.82
N HIS B 64 -16.62 1.35 31.99
CA HIS B 64 -17.51 1.22 30.85
C HIS B 64 -17.63 2.57 30.17
N VAL B 65 -17.27 2.62 28.90
CA VAL B 65 -17.49 3.81 28.10
C VAL B 65 -18.52 3.54 27.00
N VAL B 66 -19.55 4.36 26.82
CA VAL B 66 -20.49 4.20 25.70
C VAL B 66 -19.90 5.02 24.56
N GLN B 67 -19.32 4.31 23.59
CA GLN B 67 -18.65 4.96 22.47
C GLN B 67 -19.48 5.57 21.34
N ARG B 68 -19.37 6.87 21.13
CA ARG B 68 -20.10 7.53 20.04
C ARG B 68 -19.29 7.90 18.80
N ARG B 69 -17.96 7.84 18.85
CA ARG B 69 -17.11 8.10 17.70
C ARG B 69 -17.29 7.14 16.53
N SER B 70 -16.99 7.66 15.35
CA SER B 70 -17.24 6.98 14.10
C SER B 70 -16.16 7.11 13.02
N ARG B 71 -15.99 6.07 12.21
CA ARG B 71 -15.04 6.15 11.12
C ARG B 71 -15.59 6.70 9.81
N SER B 72 -16.66 7.47 9.84
CA SER B 72 -17.31 8.04 8.65
C SER B 72 -16.42 8.75 7.65
N GLU B 73 -15.50 9.54 8.13
CA GLU B 73 -14.57 10.27 7.27
C GLU B 73 -13.41 9.47 6.71
N SER B 74 -13.10 8.28 7.23
CA SER B 74 -12.00 7.46 6.68
C SER B 74 -12.46 6.36 5.73
N THR B 75 -13.75 6.35 5.36
CA THR B 75 -14.27 5.42 4.36
C THR B 75 -13.56 5.67 3.02
N ILE B 76 -13.26 4.68 2.18
CA ILE B 76 -12.55 4.89 0.91
C ILE B 76 -13.08 6.05 0.06
N GLU B 77 -14.42 6.09 -0.07
CA GLU B 77 -15.08 7.22 -0.74
C GLU B 77 -14.71 8.54 -0.08
N SER B 78 -14.91 8.69 1.24
CA SER B 78 -14.59 9.95 1.92
C SER B 78 -13.13 10.36 1.87
N PHE B 79 -12.23 9.39 1.81
CA PHE B 79 -10.81 9.67 1.68
C PHE B 79 -10.45 10.25 0.33
N PHE B 80 -11.10 9.79 -0.74
CA PHE B 80 -10.87 10.35 -2.09
C PHE B 80 -11.86 11.40 -2.58
N ALA B 81 -12.95 11.67 -1.86
CA ALA B 81 -14.00 12.61 -2.27
C ALA B 81 -13.64 14.10 -2.25
N ARG B 82 -12.70 14.44 -3.10
CA ARG B 82 -12.07 15.75 -3.14
C ARG B 82 -11.45 15.96 -4.54
N GLY B 83 -11.71 17.09 -5.19
CA GLY B 83 -11.17 17.38 -6.51
C GLY B 83 -9.68 17.79 -6.56
N ALA B 84 -8.81 16.90 -6.99
CA ALA B 84 -7.37 17.20 -7.03
C ALA B 84 -6.80 17.76 -8.32
N CYS B 85 -5.92 18.76 -8.27
CA CYS B 85 -5.28 19.28 -9.48
C CYS B 85 -4.32 18.29 -10.12
N VAL B 86 -4.66 17.72 -11.26
CA VAL B 86 -3.76 16.79 -11.95
C VAL B 86 -2.97 17.35 -13.14
N ALA B 87 -3.39 18.50 -13.66
CA ALA B 87 -2.71 19.14 -14.80
C ALA B 87 -2.94 20.63 -15.07
N ILE B 88 -1.93 21.29 -15.61
CA ILE B 88 -2.00 22.68 -16.02
C ILE B 88 -1.72 22.82 -17.52
N ILE B 89 -2.73 22.99 -18.34
CA ILE B 89 -2.53 23.12 -19.79
C ILE B 89 -2.49 24.58 -20.22
N GLU B 90 -1.41 25.02 -20.81
CA GLU B 90 -1.30 26.38 -21.32
C GLU B 90 -1.61 26.51 -22.81
N VAL B 91 -2.49 27.42 -23.15
CA VAL B 91 -2.86 27.64 -24.54
C VAL B 91 -2.98 29.12 -24.86
N ASP B 92 -2.42 29.52 -25.99
CA ASP B 92 -2.50 30.89 -26.47
C ASP B 92 -3.46 31.16 -27.62
N ASN B 93 -3.90 32.40 -27.62
CA ASN B 93 -4.64 32.94 -28.74
C ASN B 93 -3.90 34.18 -29.19
N GLU B 94 -3.28 34.02 -30.35
CA GLU B 94 -2.56 35.11 -30.98
C GLU B 94 -2.52 34.95 -32.48
N GLN B 95 -1.90 35.86 -33.21
CA GLN B 95 -1.81 35.75 -34.65
C GLN B 95 -1.02 34.55 -35.14
N PRO B 96 -1.57 33.61 -35.93
CA PRO B 96 -0.87 32.44 -36.43
C PRO B 96 0.35 32.83 -37.25
N THR B 97 1.54 32.72 -36.66
CA THR B 97 2.76 32.92 -37.44
C THR B 97 3.32 31.60 -38.01
N THR B 98 4.61 31.38 -38.19
CA THR B 98 5.12 30.15 -38.82
C THR B 98 6.18 29.37 -38.02
N ARG B 99 6.40 29.78 -36.78
CA ARG B 99 7.32 29.09 -35.86
C ARG B 99 6.51 28.33 -34.80
N ALA B 100 7.09 27.50 -33.94
CA ALA B 100 6.32 26.75 -32.92
C ALA B 100 5.47 27.64 -31.99
N GLN B 101 4.17 27.36 -31.90
CA GLN B 101 3.28 28.19 -31.09
C GLN B 101 2.30 27.36 -30.26
N LYS B 102 1.69 27.95 -29.23
CA LYS B 102 0.68 27.25 -28.44
C LYS B 102 -0.77 27.59 -28.82
N LEU B 103 -1.14 27.70 -30.09
CA LEU B 103 -2.52 27.99 -30.47
C LEU B 103 -3.50 26.86 -30.14
N PHE B 104 -2.92 25.69 -29.93
CA PHE B 104 -3.65 24.58 -29.36
C PHE B 104 -2.66 23.75 -28.57
N ALA B 105 -3.13 22.94 -27.62
CA ALA B 105 -2.28 22.10 -26.82
C ALA B 105 -2.86 20.71 -26.60
N MET B 106 -2.04 19.73 -26.29
CA MET B 106 -2.53 18.39 -26.03
C MET B 106 -1.99 17.82 -24.72
N TRP B 107 -2.83 17.22 -23.88
CA TRP B 107 -2.36 16.59 -22.66
C TRP B 107 -2.69 15.10 -22.58
N ARG B 108 -1.71 14.22 -22.37
CA ARG B 108 -1.96 12.80 -22.11
C ARG B 108 -2.68 12.59 -20.79
N ILE B 109 -3.89 12.03 -20.78
CA ILE B 109 -4.62 11.89 -19.51
C ILE B 109 -3.92 10.96 -18.49
N THR B 110 -3.55 11.56 -17.37
CA THR B 110 -2.91 10.85 -16.31
C THR B 110 -3.02 11.48 -14.92
N TYR B 111 -3.03 10.68 -13.84
CA TYR B 111 -2.92 11.27 -12.51
C TYR B 111 -1.46 11.46 -12.06
N LYS B 112 -0.51 11.15 -12.95
CA LYS B 112 0.92 11.18 -12.63
C LYS B 112 1.80 12.37 -12.96
N ASP B 113 1.31 13.50 -13.48
CA ASP B 113 2.16 14.69 -13.62
C ASP B 113 2.24 15.50 -12.32
N THR B 114 1.39 15.10 -11.40
CA THR B 114 1.19 15.69 -10.09
C THR B 114 1.52 14.65 -9.02
N VAL B 115 1.95 15.02 -7.81
CA VAL B 115 2.23 14.03 -6.81
C VAL B 115 1.13 13.72 -5.80
N GLN B 116 0.36 14.71 -5.35
CA GLN B 116 -0.61 14.49 -4.27
C GLN B 116 -1.66 13.42 -4.37
N LEU B 117 -2.54 13.47 -5.37
CA LEU B 117 -3.53 12.40 -5.59
C LEU B 117 -2.85 11.08 -5.93
N ARG B 118 -1.78 11.12 -6.73
CA ARG B 118 -1.01 9.93 -7.06
C ARG B 118 -0.65 9.11 -5.81
N ARG B 119 -0.11 9.77 -4.77
CA ARG B 119 0.24 9.07 -3.55
C ARG B 119 -0.97 8.49 -2.81
N LYS B 120 -2.12 9.18 -2.81
CA LYS B 120 -3.32 8.66 -2.18
C LYS B 120 -3.84 7.38 -2.90
N LEU B 121 -3.92 7.43 -4.23
CA LEU B 121 -4.29 6.27 -5.03
C LEU B 121 -3.34 5.09 -4.88
N GLU B 122 -2.07 5.41 -4.66
CA GLU B 122 -1.06 4.38 -4.50
C GLU B 122 -0.98 3.66 -3.18
N PHE B 123 -1.85 3.99 -2.23
CA PHE B 123 -1.99 3.14 -1.05
C PHE B 123 -2.59 1.79 -1.45
N PHE B 124 -3.08 1.68 -2.68
CA PHE B 124 -3.70 0.46 -3.17
C PHE B 124 -3.14 -0.03 -4.52
N THR B 125 -3.12 -1.36 -4.73
CA THR B 125 -2.66 -1.94 -5.97
C THR B 125 -3.68 -1.78 -7.10
N TYR B 126 -4.96 -2.12 -6.86
CA TYR B 126 -5.98 -2.02 -7.90
C TYR B 126 -7.18 -1.13 -7.56
N SER B 127 -7.81 -0.50 -8.53
CA SER B 127 -8.96 0.35 -8.24
C SER B 127 -10.06 0.38 -9.28
N ARG B 128 -11.26 0.72 -8.87
CA ARG B 128 -12.35 0.79 -9.82
C ARG B 128 -13.23 1.96 -9.41
N PHE B 129 -13.45 2.88 -10.34
CA PHE B 129 -14.24 4.08 -10.07
C PHE B 129 -14.72 4.88 -11.28
N ASP B 130 -15.75 5.68 -11.08
CA ASP B 130 -16.14 6.66 -12.09
C ASP B 130 -15.31 7.94 -11.87
N MET B 131 -15.05 8.73 -12.89
CA MET B 131 -14.20 9.89 -12.71
C MET B 131 -14.82 11.24 -13.12
N GLU B 132 -14.79 12.17 -12.17
CA GLU B 132 -15.28 13.51 -12.41
C GLU B 132 -14.18 14.50 -12.77
N PHE B 133 -14.32 15.13 -13.92
CA PHE B 133 -13.40 16.17 -14.38
C PHE B 133 -13.92 17.60 -14.27
N THR B 134 -13.26 18.44 -13.51
CA THR B 134 -13.68 19.83 -13.42
C THR B 134 -12.59 20.72 -13.98
N PHE B 135 -12.96 21.68 -14.84
CA PHE B 135 -11.98 22.54 -15.51
C PHE B 135 -11.98 24.02 -15.12
N VAL B 136 -10.95 24.50 -14.43
CA VAL B 136 -10.86 25.92 -14.09
C VAL B 136 -10.00 26.62 -15.13
N VAL B 137 -10.59 27.58 -15.83
CA VAL B 137 -9.89 28.30 -16.91
C VAL B 137 -9.64 29.77 -16.59
N THR B 138 -8.38 30.14 -16.67
CA THR B 138 -7.92 31.51 -16.38
C THR B 138 -7.18 32.12 -17.56
N ALA B 139 -7.28 33.40 -17.79
CA ALA B 139 -6.52 34.06 -18.86
C ALA B 139 -6.01 35.44 -18.50
N ASN B 140 -5.00 35.90 -19.21
CA ASN B 140 -4.44 37.22 -19.03
C ASN B 140 -3.82 37.83 -20.29
N PHE B 141 -3.59 39.13 -20.24
CA PHE B 141 -2.90 39.78 -21.35
C PHE B 141 -1.40 39.64 -21.15
N THR B 142 -0.74 39.29 -22.24
CA THR B 142 0.72 39.12 -22.29
C THR B 142 1.54 40.39 -22.37
N ASN B 143 1.19 41.23 -23.33
CA ASN B 143 1.90 42.46 -23.60
C ASN B 143 1.25 43.73 -23.09
N ALA B 144 2.05 44.71 -22.68
CA ALA B 144 1.55 46.00 -22.17
C ALA B 144 0.33 46.64 -22.84
N ASN B 145 0.31 46.73 -24.19
CA ASN B 145 -0.89 47.04 -24.99
C ASN B 145 -0.95 47.25 -26.53
N ASN B 146 -1.70 46.36 -27.16
CA ASN B 146 -2.14 46.53 -28.56
C ASN B 146 -3.68 46.53 -28.69
N GLY B 147 -4.42 47.32 -27.89
CA GLY B 147 -5.89 47.23 -27.90
C GLY B 147 -6.42 46.11 -27.01
N HIS B 148 -7.63 45.52 -27.10
CA HIS B 148 -8.04 44.46 -26.15
C HIS B 148 -8.62 43.22 -26.78
N ALA B 149 -9.32 42.38 -26.05
CA ALA B 149 -9.91 41.18 -26.58
C ALA B 149 -11.34 40.94 -26.13
N LEU B 150 -12.15 40.37 -26.99
CA LEU B 150 -13.51 40.02 -26.61
C LEU B 150 -13.53 38.65 -25.95
N ASN B 151 -14.58 38.33 -25.18
CA ASN B 151 -14.61 37.07 -24.43
C ASN B 151 -14.32 35.78 -25.21
N GLN B 152 -13.41 34.94 -24.71
CA GLN B 152 -13.07 33.73 -25.42
C GLN B 152 -13.81 32.44 -25.07
N VAL B 153 -14.10 31.68 -26.12
CA VAL B 153 -14.69 30.36 -25.99
C VAL B 153 -13.59 29.32 -26.18
N TYR B 154 -13.43 28.39 -25.25
CA TYR B 154 -12.43 27.34 -25.31
C TYR B 154 -12.97 25.97 -25.71
N GLN B 155 -12.30 25.24 -26.57
CA GLN B 155 -12.74 23.89 -26.88
C GLN B 155 -11.80 22.86 -26.29
N ILE B 156 -12.39 21.94 -25.52
CA ILE B 156 -11.65 20.84 -24.94
C ILE B 156 -12.16 19.56 -25.59
N MET B 157 -11.37 19.02 -26.51
CA MET B 157 -11.72 17.80 -27.21
C MET B 157 -11.06 16.51 -26.69
N TYR B 158 -11.83 15.50 -26.34
CA TYR B 158 -11.23 14.23 -25.97
C TYR B 158 -10.90 13.45 -27.23
N ILE B 159 -9.66 12.97 -27.31
CA ILE B 159 -9.24 12.15 -28.45
C ILE B 159 -8.79 10.76 -27.98
N PRO B 160 -9.67 9.76 -28.03
CA PRO B 160 -9.36 8.41 -27.59
C PRO B 160 -8.31 7.71 -28.45
N PRO B 161 -7.46 6.78 -27.96
CA PRO B 161 -6.41 6.18 -28.77
C PRO B 161 -6.90 5.55 -30.08
N GLY B 162 -6.44 6.16 -31.16
CA GLY B 162 -6.83 5.73 -32.49
C GLY B 162 -7.35 6.83 -33.36
N ALA B 163 -8.03 7.76 -32.71
CA ALA B 163 -8.59 8.92 -33.38
C ALA B 163 -7.55 9.88 -33.96
N PRO B 164 -7.81 10.61 -35.05
CA PRO B 164 -6.89 11.58 -35.62
C PRO B 164 -6.51 12.72 -34.66
N THR B 165 -5.24 12.97 -34.46
CA THR B 165 -4.81 14.10 -33.64
C THR B 165 -4.60 15.37 -34.47
N PRO B 166 -5.04 16.55 -34.01
CA PRO B 166 -4.84 17.79 -34.73
C PRO B 166 -3.39 18.16 -34.99
N LYS B 167 -3.15 18.67 -36.19
CA LYS B 167 -1.85 19.27 -36.53
C LYS B 167 -1.93 20.80 -36.45
N SER B 168 -3.15 21.31 -36.51
CA SER B 168 -3.40 22.75 -36.64
C SER B 168 -4.52 23.19 -35.71
N TRP B 169 -4.53 24.41 -35.15
CA TRP B 169 -5.60 24.78 -34.20
C TRP B 169 -7.01 24.75 -34.80
N ASP B 170 -7.13 24.92 -36.11
CA ASP B 170 -8.44 24.81 -36.72
C ASP B 170 -8.50 23.86 -37.93
N ASP B 171 -7.94 22.66 -37.85
CA ASP B 171 -8.13 21.70 -38.94
C ASP B 171 -9.37 20.84 -38.79
N TYR B 172 -9.67 19.91 -39.70
CA TYR B 172 -10.88 19.10 -39.61
C TYR B 172 -11.12 18.30 -38.32
N THR B 173 -10.12 17.83 -37.56
CA THR B 173 -10.36 17.02 -36.36
C THR B 173 -11.28 17.67 -35.33
N TRP B 174 -11.14 18.99 -35.24
CA TRP B 174 -11.95 19.79 -34.33
C TRP B 174 -13.44 19.77 -34.64
N GLN B 175 -13.84 19.27 -35.82
CA GLN B 175 -15.25 19.04 -36.14
C GLN B 175 -15.96 18.13 -35.12
N THR B 176 -15.16 17.38 -34.37
CA THR B 176 -15.55 16.53 -33.25
C THR B 176 -16.86 15.75 -33.36
N SER B 177 -17.12 15.19 -34.53
CA SER B 177 -18.38 14.47 -34.77
C SER B 177 -18.67 13.22 -33.95
N SER B 178 -17.59 12.59 -33.52
CA SER B 178 -17.72 11.39 -32.70
C SER B 178 -16.95 11.48 -31.39
N ASN B 179 -15.91 12.31 -31.32
CA ASN B 179 -15.18 12.52 -30.08
C ASN B 179 -15.99 13.40 -29.13
N PRO B 180 -16.03 13.24 -27.80
CA PRO B 180 -16.70 14.17 -26.90
C PRO B 180 -15.94 15.51 -26.78
N SER B 181 -16.62 16.63 -26.92
CA SER B 181 -15.99 17.92 -26.68
C SER B 181 -16.71 18.94 -25.78
N ILE B 182 -16.01 19.69 -24.94
CA ILE B 182 -16.60 20.78 -24.15
C ILE B 182 -16.31 22.15 -24.78
N PHE B 183 -17.34 22.94 -24.97
CA PHE B 183 -17.15 24.34 -25.33
C PHE B 183 -17.36 25.22 -24.10
N TYR B 184 -16.25 25.62 -23.52
CA TYR B 184 -16.27 26.46 -22.35
C TYR B 184 -16.26 27.96 -22.65
N THR B 185 -17.23 28.73 -22.17
CA THR B 185 -17.19 30.19 -22.31
C THR B 185 -16.45 30.84 -21.15
N TYR B 186 -15.43 31.67 -21.37
CA TYR B 186 -14.68 32.31 -20.28
C TYR B 186 -15.55 33.10 -19.31
N GLY B 187 -15.35 32.95 -18.01
CA GLY B 187 -16.16 33.70 -17.05
C GLY B 187 -17.31 32.89 -16.49
N ALA B 188 -17.72 31.84 -17.18
CA ALA B 188 -18.77 30.98 -16.69
C ALA B 188 -18.27 30.09 -15.54
N ALA B 189 -19.15 29.43 -14.77
CA ALA B 189 -18.67 28.56 -13.70
C ALA B 189 -17.79 27.45 -14.27
N PRO B 190 -16.75 26.93 -13.60
CA PRO B 190 -15.91 25.88 -14.16
C PRO B 190 -16.62 24.68 -14.76
N ALA B 191 -16.18 24.29 -15.94
CA ALA B 191 -16.75 23.15 -16.67
C ALA B 191 -16.69 21.81 -15.94
N ARG B 192 -17.72 21.00 -15.98
CA ARG B 192 -17.70 19.73 -15.29
C ARG B 192 -18.33 18.57 -16.03
N ILE B 193 -17.59 17.48 -16.16
CA ILE B 193 -18.11 16.24 -16.74
C ILE B 193 -17.78 14.99 -15.95
N SER B 194 -18.55 13.95 -16.15
CA SER B 194 -18.31 12.65 -15.56
C SER B 194 -18.01 11.60 -16.61
N VAL B 195 -17.13 10.69 -16.20
CA VAL B 195 -16.66 9.59 -17.03
C VAL B 195 -16.88 8.24 -16.34
N PRO B 196 -17.31 7.18 -17.03
CA PRO B 196 -17.45 5.85 -16.48
C PRO B 196 -16.15 5.15 -16.11
N TYR B 197 -16.26 3.93 -15.57
CA TYR B 197 -15.07 3.11 -15.39
C TYR B 197 -14.74 2.62 -16.80
N VAL B 198 -13.68 3.14 -17.38
CA VAL B 198 -13.30 2.82 -18.75
C VAL B 198 -12.10 1.89 -18.96
N GLY B 199 -11.67 1.17 -17.94
CA GLY B 199 -10.55 0.25 -18.08
C GLY B 199 -10.82 -1.02 -18.88
N LEU B 200 -9.76 -1.50 -19.56
CA LEU B 200 -9.79 -2.75 -20.34
C LEU B 200 -9.79 -4.03 -19.49
N ALA B 201 -9.41 -3.85 -18.23
CA ALA B 201 -9.41 -4.90 -17.25
C ALA B 201 -10.60 -4.77 -16.29
N ASN B 202 -10.76 -5.61 -15.28
CA ASN B 202 -11.87 -5.51 -14.35
C ASN B 202 -11.68 -4.50 -13.22
N ALA B 203 -10.48 -3.94 -13.19
CA ALA B 203 -10.03 -2.92 -12.25
C ALA B 203 -8.79 -2.21 -12.80
N TYR B 204 -8.59 -0.93 -12.52
CA TYR B 204 -7.37 -0.22 -12.88
C TYR B 204 -6.13 -0.72 -12.11
N SER B 205 -5.05 -0.95 -12.83
CA SER B 205 -3.80 -1.39 -12.21
C SER B 205 -2.91 -0.22 -11.83
N HIS B 206 -2.85 0.18 -10.56
CA HIS B 206 -1.92 1.24 -10.17
C HIS B 206 -0.46 0.79 -10.26
N PHE B 207 -0.23 -0.53 -10.28
CA PHE B 207 1.08 -1.15 -10.44
C PHE B 207 1.07 -2.36 -11.38
N TYR B 208 1.93 -2.39 -12.39
CA TYR B 208 2.04 -3.52 -13.30
C TYR B 208 3.42 -4.16 -13.36
N ASP B 209 3.75 -5.16 -12.54
CA ASP B 209 5.06 -5.82 -12.63
C ASP B 209 5.22 -6.72 -13.87
N GLY B 210 5.58 -6.09 -14.97
CA GLY B 210 5.79 -6.81 -16.21
C GLY B 210 5.96 -5.94 -17.44
N PHE B 211 5.89 -6.56 -18.61
CA PHE B 211 6.09 -5.88 -19.89
C PHE B 211 4.95 -6.01 -20.90
N ALA B 212 4.87 -5.10 -21.85
CA ALA B 212 3.94 -5.23 -22.96
C ALA B 212 4.47 -6.09 -24.13
N LYS B 213 5.77 -6.32 -24.19
CA LYS B 213 6.40 -7.20 -25.19
C LYS B 213 7.44 -8.14 -24.62
N VAL B 214 7.55 -9.32 -25.22
CA VAL B 214 8.57 -10.27 -24.83
C VAL B 214 9.61 -10.45 -25.94
N PRO B 215 10.92 -10.39 -25.64
CA PRO B 215 11.96 -10.68 -26.59
C PRO B 215 12.00 -12.18 -26.89
N LEU B 216 11.93 -12.58 -28.14
CA LEU B 216 12.01 -14.00 -28.47
C LEU B 216 13.34 -14.35 -29.10
N LYS B 217 13.92 -15.52 -28.83
CA LYS B 217 15.20 -15.96 -29.41
C LYS B 217 15.25 -15.88 -30.93
N THR B 218 14.10 -16.09 -31.56
CA THR B 218 13.98 -16.03 -33.02
C THR B 218 13.83 -14.64 -33.61
N ASP B 219 13.83 -13.60 -32.82
CA ASP B 219 13.70 -12.24 -33.34
C ASP B 219 14.93 -11.72 -34.06
N ALA B 220 14.67 -10.97 -35.14
CA ALA B 220 15.71 -10.34 -35.93
C ALA B 220 16.62 -9.36 -35.18
N ASN B 221 16.19 -8.11 -34.90
CA ASN B 221 16.97 -7.26 -34.00
C ASN B 221 16.59 -7.62 -32.57
N ASP B 222 17.32 -7.24 -31.50
CA ASP B 222 16.68 -7.39 -30.21
C ASP B 222 15.97 -6.11 -29.70
N GLN B 223 15.69 -5.21 -30.63
CA GLN B 223 14.84 -4.03 -30.41
C GLN B 223 13.37 -4.43 -30.47
N ILE B 224 13.03 -5.31 -31.42
CA ILE B 224 11.65 -5.81 -31.63
C ILE B 224 10.87 -6.19 -30.39
N GLY B 225 11.52 -6.89 -29.46
CA GLY B 225 10.86 -7.32 -28.24
C GLY B 225 11.14 -6.46 -27.02
N ASP B 226 11.62 -5.24 -27.21
CA ASP B 226 11.91 -4.36 -26.10
C ASP B 226 10.75 -3.44 -25.74
N SER B 227 10.43 -3.41 -24.45
CA SER B 227 9.35 -2.60 -23.90
C SER B 227 9.79 -1.83 -22.70
N LEU B 228 8.99 -0.86 -22.27
CA LEU B 228 9.29 -0.22 -21.01
C LEU B 228 8.79 -1.05 -19.82
N TYR B 229 9.61 -1.32 -18.83
CA TYR B 229 9.17 -2.04 -17.65
C TYR B 229 8.03 -1.31 -16.95
N SER B 230 7.02 -2.08 -16.59
CA SER B 230 5.80 -1.59 -15.93
C SER B 230 4.84 -0.73 -16.74
N ALA B 231 5.15 -0.46 -17.99
CA ALA B 231 4.20 0.21 -18.86
C ALA B 231 3.31 -0.82 -19.55
N MET B 232 2.02 -0.48 -19.72
CA MET B 232 1.03 -1.35 -20.34
C MET B 232 0.72 -0.90 -21.76
N THR B 233 -0.42 -0.33 -22.07
CA THR B 233 -0.71 0.21 -23.41
C THR B 233 0.06 1.51 -23.65
N VAL B 234 0.54 1.73 -24.87
CA VAL B 234 1.29 2.95 -25.22
C VAL B 234 0.57 4.27 -24.93
N ASP B 235 -0.67 4.40 -25.34
CA ASP B 235 -1.42 5.63 -25.10
C ASP B 235 -2.36 5.68 -23.91
N ASP B 236 -2.35 4.63 -23.06
CA ASP B 236 -3.32 4.46 -21.98
C ASP B 236 -4.75 4.98 -22.18
N PHE B 237 -5.10 6.23 -21.85
CA PHE B 237 -6.46 6.74 -22.00
C PHE B 237 -6.62 7.81 -23.08
N GLY B 238 -5.66 8.01 -23.97
CA GLY B 238 -5.76 9.09 -24.94
C GLY B 238 -5.41 10.48 -24.39
N VAL B 239 -5.80 11.49 -25.17
CA VAL B 239 -5.46 12.86 -24.84
C VAL B 239 -6.59 13.88 -24.85
N LEU B 240 -6.32 14.99 -24.20
CA LEU B 240 -7.21 16.13 -24.26
C LEU B 240 -6.60 17.22 -25.12
N ALA B 241 -7.26 17.59 -26.20
CA ALA B 241 -6.78 18.67 -27.03
C ALA B 241 -7.56 19.96 -26.76
N VAL B 242 -6.80 20.95 -26.27
CA VAL B 242 -7.35 22.25 -25.91
C VAL B 242 -7.00 23.37 -26.90
N ARG B 243 -8.01 24.12 -27.33
CA ARG B 243 -7.79 25.32 -28.15
C ARG B 243 -8.70 26.51 -27.84
N VAL B 244 -8.36 27.71 -28.25
CA VAL B 244 -9.28 28.84 -28.11
C VAL B 244 -10.06 28.88 -29.43
N VAL B 245 -11.38 28.74 -29.44
CA VAL B 245 -12.14 28.75 -30.69
C VAL B 245 -12.14 30.10 -31.42
N ASN B 246 -12.06 31.21 -30.67
CA ASN B 246 -11.97 32.51 -31.27
C ASN B 246 -10.76 32.73 -32.17
N ASP B 247 -11.01 33.49 -33.23
CA ASP B 247 -9.92 33.99 -34.05
C ASP B 247 -9.17 35.01 -33.22
N HIS B 248 -7.91 35.13 -33.54
CA HIS B 248 -7.06 36.02 -32.79
C HIS B 248 -7.34 37.52 -32.82
N ASN B 249 -7.23 38.08 -31.65
CA ASN B 249 -7.20 39.53 -31.49
C ASN B 249 -5.92 40.18 -32.00
N PRO B 250 -5.75 41.50 -32.12
CA PRO B 250 -4.45 42.13 -32.41
C PRO B 250 -3.47 41.85 -31.27
N THR B 251 -3.91 42.11 -30.06
CA THR B 251 -3.14 41.80 -28.88
C THR B 251 -3.28 40.33 -28.46
N LYS B 252 -2.21 39.75 -27.93
CA LYS B 252 -2.16 38.37 -27.51
C LYS B 252 -2.78 38.03 -26.15
N VAL B 253 -3.59 36.97 -26.06
CA VAL B 253 -4.12 36.49 -24.77
C VAL B 253 -3.61 35.08 -24.43
N THR B 254 -3.02 34.92 -23.28
CA THR B 254 -2.57 33.62 -22.82
C THR B 254 -3.54 33.06 -21.81
N SER B 255 -3.86 31.78 -21.93
CA SER B 255 -4.75 31.13 -20.99
C SER B 255 -4.23 29.83 -20.41
N LYS B 256 -4.64 29.49 -19.21
CA LYS B 256 -4.34 28.19 -18.65
C LYS B 256 -5.57 27.43 -18.19
N VAL B 257 -5.64 26.18 -18.60
CA VAL B 257 -6.70 25.29 -18.14
C VAL B 257 -6.18 24.35 -17.06
N ARG B 258 -6.68 24.52 -15.85
CA ARG B 258 -6.36 23.63 -14.75
C ARG B 258 -7.39 22.51 -14.62
N ILE B 259 -6.91 21.28 -14.65
CA ILE B 259 -7.77 20.12 -14.56
C ILE B 259 -7.82 19.46 -13.20
N TYR B 260 -9.02 19.39 -12.66
CA TYR B 260 -9.27 18.78 -11.37
C TYR B 260 -9.96 17.46 -11.51
N MET B 261 -9.37 16.48 -10.88
CA MET B 261 -9.84 15.13 -11.01
C MET B 261 -10.37 14.56 -9.70
N LYS B 262 -11.58 13.98 -9.69
CA LYS B 262 -12.10 13.35 -8.49
C LYS B 262 -12.62 11.94 -8.79
N PRO B 263 -12.05 10.88 -8.18
CA PRO B 263 -12.67 9.57 -8.17
C PRO B 263 -13.98 9.48 -7.41
N LYS B 264 -15.01 8.89 -8.00
CA LYS B 264 -16.26 8.68 -7.30
C LYS B 264 -16.84 7.32 -7.54
N HIS B 265 -17.59 6.81 -6.56
CA HIS B 265 -18.12 5.44 -6.55
C HIS B 265 -16.93 4.45 -6.60
N VAL B 266 -16.03 4.71 -5.67
CA VAL B 266 -14.72 4.08 -5.55
C VAL B 266 -14.68 2.75 -4.80
N ARG B 267 -13.93 1.83 -5.38
CA ARG B 267 -13.58 0.56 -4.77
C ARG B 267 -12.08 0.27 -4.93
N VAL B 268 -11.41 -0.24 -3.89
CA VAL B 268 -9.98 -0.52 -3.98
C VAL B 268 -9.51 -1.86 -3.44
N TRP B 269 -8.46 -2.40 -4.05
CA TRP B 269 -7.89 -3.68 -3.62
C TRP B 269 -6.39 -3.73 -3.37
N CYS B 270 -6.00 -4.61 -2.44
CA CYS B 270 -4.64 -4.87 -2.00
C CYS B 270 -3.83 -3.66 -1.52
N PRO B 271 -3.81 -3.37 -0.23
CA PRO B 271 -3.05 -2.24 0.31
C PRO B 271 -1.53 -2.34 0.14
N ARG B 272 -0.94 -1.16 -0.03
CA ARG B 272 0.48 -0.95 -0.23
C ARG B 272 1.04 0.11 0.71
N PRO B 273 2.31 0.00 1.15
CA PRO B 273 3.00 1.08 1.81
C PRO B 273 3.00 2.36 1.00
N PRO B 274 2.79 3.53 1.61
CA PRO B 274 2.84 4.81 0.93
C PRO B 274 4.22 5.14 0.40
N ARG B 275 4.29 5.90 -0.70
CA ARG B 275 5.55 6.39 -1.22
C ARG B 275 6.33 7.20 -0.19
N ALA B 276 7.49 6.72 0.21
CA ALA B 276 8.30 7.39 1.23
C ALA B 276 9.41 8.32 0.75
N VAL B 277 9.87 8.13 -0.48
CA VAL B 277 10.87 9.03 -1.09
C VAL B 277 10.32 9.75 -2.33
N PRO B 278 10.88 10.83 -2.88
CA PRO B 278 10.30 11.51 -4.03
C PRO B 278 10.19 10.72 -5.33
N TYR B 279 9.04 10.89 -5.98
CA TYR B 279 8.77 10.27 -7.27
C TYR B 279 9.75 10.63 -8.37
N TYR B 280 10.21 9.65 -9.14
CA TYR B 280 11.09 9.91 -10.27
C TYR B 280 10.51 9.31 -11.54
N GLY B 281 9.56 10.06 -12.07
CA GLY B 281 8.82 9.66 -13.27
C GLY B 281 7.64 8.69 -13.06
N PRO B 282 7.12 8.04 -14.10
CA PRO B 282 5.86 7.27 -14.04
C PRO B 282 5.94 5.93 -13.33
N GLY B 283 7.14 5.43 -13.09
CA GLY B 283 7.30 4.13 -12.48
C GLY B 283 7.74 4.18 -11.04
N VAL B 284 8.03 3.05 -10.41
CA VAL B 284 8.49 3.04 -9.00
C VAL B 284 9.92 3.52 -8.74
N ASP B 285 10.51 4.15 -9.74
CA ASP B 285 11.91 4.52 -9.68
C ASP B 285 12.21 5.66 -8.76
N TYR B 286 13.28 5.45 -8.02
CA TYR B 286 13.81 6.50 -7.18
C TYR B 286 15.16 6.93 -7.67
N ARG B 287 15.44 8.19 -7.41
CA ARG B 287 16.74 8.70 -7.71
C ARG B 287 17.33 9.27 -6.45
N ASN B 288 16.94 10.46 -5.98
CA ASN B 288 17.47 10.91 -4.71
C ASN B 288 16.56 11.54 -3.66
N ASN B 289 17.14 11.84 -2.51
CA ASN B 289 16.46 12.14 -1.25
C ASN B 289 15.85 10.86 -0.70
N LEU B 290 16.75 9.87 -0.61
CA LEU B 290 16.41 8.54 -0.11
C LEU B 290 16.59 8.41 1.41
N ASP B 291 16.57 9.56 2.08
CA ASP B 291 16.74 9.66 3.51
C ASP B 291 15.55 10.26 4.26
N PRO B 292 14.34 9.66 4.16
CA PRO B 292 13.08 10.25 4.62
C PRO B 292 13.02 10.61 6.09
N LEU B 293 13.69 9.79 6.89
CA LEU B 293 13.68 9.88 8.33
C LEU B 293 14.71 10.78 8.99
N SER B 294 14.20 11.55 9.96
CA SER B 294 15.01 12.41 10.81
C SER B 294 15.91 11.76 11.83
N GLU B 295 16.84 12.52 12.38
CA GLU B 295 17.68 12.03 13.47
C GLU B 295 17.04 12.25 14.83
N LYS B 296 16.93 11.18 15.63
CA LYS B 296 16.35 11.22 16.97
C LYS B 296 17.05 10.22 17.91
N GLY B 297 17.51 10.66 19.07
CA GLY B 297 18.20 9.79 20.01
C GLY B 297 17.35 8.67 20.59
N LEU B 298 17.80 7.41 20.61
CA LEU B 298 17.04 6.25 21.14
C LEU B 298 16.25 6.43 22.43
N THR B 299 16.86 7.11 23.39
CA THR B 299 16.24 7.39 24.70
C THR B 299 15.90 8.85 24.90
N THR B 300 15.48 9.48 23.81
CA THR B 300 15.06 10.87 23.81
C THR B 300 13.58 10.99 23.46
N TYR B 301 12.76 11.54 24.34
CA TYR B 301 11.35 11.71 24.09
C TYR B 301 11.04 12.73 22.99
N ALA C 6 -7.76 -32.44 20.61
CA ALA C 6 -7.33 -33.64 21.33
C ALA C 6 -6.10 -34.43 20.80
N CYS C 7 -5.81 -35.65 21.30
CA CYS C 7 -4.66 -36.50 20.95
C CYS C 7 -3.22 -35.99 21.11
N GLY C 8 -2.84 -34.84 20.53
CA GLY C 8 -1.51 -34.23 20.66
C GLY C 8 -1.13 -33.22 19.54
N TYR C 9 -2.10 -32.69 18.79
CA TYR C 9 -1.82 -31.81 17.65
C TYR C 9 -1.29 -30.39 17.87
N SER C 10 -0.61 -29.79 16.91
CA SER C 10 0.06 -28.51 17.14
C SER C 10 0.25 -27.53 15.97
N ASP C 11 0.23 -26.24 16.28
CA ASP C 11 0.47 -25.16 15.30
C ASP C 11 1.85 -25.17 14.65
N ARG C 12 2.76 -25.78 15.39
CA ARG C 12 4.17 -25.94 15.06
C ARG C 12 4.47 -27.13 14.16
N VAL C 13 3.65 -28.17 14.21
CA VAL C 13 3.90 -29.34 13.39
C VAL C 13 2.91 -29.51 12.23
N LEU C 14 3.43 -29.34 11.02
CA LEU C 14 2.61 -29.42 9.81
C LEU C 14 3.05 -30.38 8.71
N GLN C 15 2.07 -30.97 8.05
CA GLN C 15 2.35 -31.73 6.85
C GLN C 15 1.58 -31.13 5.65
N LEU C 16 2.30 -30.84 4.58
CA LEU C 16 1.69 -30.37 3.34
C LEU C 16 1.87 -31.42 2.26
N THR C 17 0.81 -31.85 1.61
CA THR C 17 0.93 -32.80 0.50
C THR C 17 0.23 -32.34 -0.74
N LEU C 18 1.02 -32.20 -1.81
CA LEU C 18 0.50 -31.81 -3.12
C LEU C 18 1.11 -32.69 -4.18
N GLY C 19 0.29 -33.33 -5.00
CA GLY C 19 0.79 -34.25 -6.02
C GLY C 19 1.58 -35.42 -5.43
N ASN C 20 2.78 -35.70 -5.92
CA ASN C 20 3.62 -36.77 -5.35
C ASN C 20 4.64 -36.25 -4.32
N SER C 21 4.39 -35.04 -3.82
CA SER C 21 5.30 -34.41 -2.87
C SER C 21 4.77 -33.99 -1.52
N THR C 22 5.49 -34.42 -0.50
CA THR C 22 5.15 -34.10 0.91
C THR C 22 6.24 -33.34 1.68
N ILE C 23 5.81 -32.26 2.32
CA ILE C 23 6.66 -31.47 3.20
C ILE C 23 6.29 -31.69 4.66
N THR C 24 7.26 -31.94 5.54
CA THR C 24 6.97 -31.92 6.95
C THR C 24 7.69 -30.78 7.66
N THR C 25 7.13 -30.26 8.74
CA THR C 25 7.84 -29.31 9.60
C THR C 25 7.41 -29.45 11.05
N GLN C 26 8.39 -29.67 11.91
CA GLN C 26 8.19 -29.76 13.34
C GLN C 26 8.30 -28.42 14.06
N GLU C 27 8.71 -27.37 13.35
CA GLU C 27 8.80 -26.00 13.92
C GLU C 27 8.27 -24.85 13.05
N ALA C 28 6.96 -24.87 12.83
CA ALA C 28 6.26 -23.83 12.09
C ALA C 28 5.60 -22.78 12.98
N ALA C 29 5.26 -21.63 12.44
CA ALA C 29 4.58 -20.60 13.22
C ALA C 29 3.18 -20.41 12.65
N ASN C 30 2.36 -21.48 12.73
CA ASN C 30 1.05 -21.56 12.07
C ASN C 30 1.26 -21.35 10.56
N SER C 31 0.28 -21.01 9.74
CA SER C 31 0.48 -20.74 8.33
C SER C 31 -0.47 -19.70 7.80
N VAL C 32 -0.06 -18.93 6.80
CA VAL C 32 -0.85 -17.82 6.29
C VAL C 32 -1.63 -18.01 5.01
N VAL C 33 -2.90 -17.67 4.91
CA VAL C 33 -3.61 -17.68 3.64
C VAL C 33 -3.81 -16.22 3.22
N ALA C 34 -3.09 -15.80 2.19
CA ALA C 34 -3.10 -14.41 1.73
C ALA C 34 -4.45 -13.83 1.43
N TYR C 35 -4.74 -12.74 2.12
CA TYR C 35 -6.02 -12.03 2.01
C TYR C 35 -7.23 -12.88 2.37
N GLY C 36 -7.00 -13.95 3.14
CA GLY C 36 -8.05 -14.87 3.54
C GLY C 36 -8.69 -15.65 2.39
N ARG C 37 -8.02 -15.66 1.24
CA ARG C 37 -8.53 -16.35 0.06
C ARG C 37 -7.74 -17.55 -0.39
N TRP C 38 -8.34 -18.74 -0.32
CA TRP C 38 -7.67 -19.93 -0.83
C TRP C 38 -7.64 -19.88 -2.38
N PRO C 39 -6.61 -20.32 -3.11
CA PRO C 39 -6.67 -20.49 -4.56
C PRO C 39 -7.84 -21.25 -5.19
N GLU C 40 -8.39 -20.71 -6.26
CA GLU C 40 -9.50 -21.35 -6.93
C GLU C 40 -9.51 -21.25 -8.46
N PHE C 41 -10.29 -22.06 -9.16
CA PHE C 41 -10.38 -21.94 -10.61
C PHE C 41 -11.33 -20.86 -11.11
N ILE C 42 -11.09 -20.32 -12.30
CA ILE C 42 -11.99 -19.34 -12.91
C ILE C 42 -13.44 -19.82 -13.13
N ARG C 43 -14.33 -19.20 -12.39
CA ARG C 43 -15.76 -19.39 -12.53
C ARG C 43 -16.36 -19.01 -13.88
N ASP C 44 -17.34 -19.79 -14.36
CA ASP C 44 -18.07 -19.48 -15.59
C ASP C 44 -18.56 -18.05 -15.76
N ASP C 45 -18.94 -17.40 -14.66
CA ASP C 45 -19.40 -16.01 -14.69
C ASP C 45 -18.32 -14.92 -14.53
N GLU C 46 -17.07 -15.34 -14.42
CA GLU C 46 -15.90 -14.45 -14.42
C GLU C 46 -14.94 -14.79 -15.57
N ALA C 47 -15.32 -15.81 -16.34
CA ALA C 47 -14.54 -16.29 -17.45
C ALA C 47 -14.43 -15.32 -18.62
N ASN C 48 -13.28 -15.29 -19.27
CA ASN C 48 -13.12 -14.41 -20.43
C ASN C 48 -12.61 -15.10 -21.71
N PRO C 49 -11.52 -15.89 -21.79
CA PRO C 49 -11.21 -16.66 -22.99
C PRO C 49 -12.23 -17.76 -23.19
N VAL C 50 -12.86 -17.89 -24.34
CA VAL C 50 -13.92 -18.89 -24.55
C VAL C 50 -13.49 -20.34 -24.75
N ASP C 51 -12.24 -20.55 -25.13
CA ASP C 51 -11.70 -21.88 -25.37
C ASP C 51 -11.53 -22.76 -24.13
N GLN C 52 -11.83 -24.05 -24.24
CA GLN C 52 -11.68 -25.01 -23.16
C GLN C 52 -10.28 -24.98 -22.56
N PRO C 53 -10.14 -24.67 -21.26
CA PRO C 53 -8.84 -24.65 -20.61
C PRO C 53 -8.18 -25.99 -20.43
N THR C 54 -6.87 -25.97 -20.20
CA THR C 54 -6.10 -27.15 -19.82
C THR C 54 -5.86 -27.11 -18.34
N GLU C 55 -6.18 -28.14 -17.57
CA GLU C 55 -5.82 -28.17 -16.16
C GLU C 55 -4.97 -29.40 -15.89
N PRO C 56 -3.63 -29.28 -15.93
CA PRO C 56 -2.70 -30.40 -15.76
C PRO C 56 -2.72 -31.08 -14.38
N ASP C 57 -3.25 -30.36 -13.37
CA ASP C 57 -3.40 -30.84 -12.01
C ASP C 57 -2.13 -31.45 -11.36
N VAL C 58 -2.06 -32.69 -10.84
CA VAL C 58 -0.89 -33.29 -10.16
C VAL C 58 0.49 -33.15 -10.83
N ALA C 59 0.55 -33.08 -12.16
CA ALA C 59 1.80 -32.88 -12.89
C ALA C 59 2.44 -31.48 -12.77
N THR C 60 1.64 -30.46 -12.45
CA THR C 60 2.13 -29.08 -12.31
C THR C 60 1.91 -28.52 -10.93
N CYS C 61 0.81 -28.91 -10.29
CA CYS C 61 0.51 -28.50 -8.93
C CYS C 61 1.12 -29.45 -7.90
N ARG C 62 2.42 -29.25 -7.75
CA ARG C 62 3.31 -29.98 -6.85
C ARG C 62 4.56 -29.18 -6.45
N PHE C 63 5.27 -29.62 -5.42
CA PHE C 63 6.39 -28.84 -4.89
C PHE C 63 7.73 -28.80 -5.60
N TYR C 64 7.97 -27.71 -6.33
CA TYR C 64 9.28 -27.48 -6.96
C TYR C 64 10.23 -26.73 -6.02
N THR C 65 11.34 -27.36 -5.68
CA THR C 65 12.37 -26.75 -4.84
C THR C 65 13.40 -25.99 -5.63
N LEU C 66 13.57 -24.70 -5.35
CA LEU C 66 14.57 -23.88 -6.02
C LEU C 66 16.00 -24.02 -5.48
N ASP C 67 17.03 -23.56 -6.22
CA ASP C 67 18.41 -23.57 -5.75
C ASP C 67 18.62 -22.88 -4.41
N THR C 68 19.27 -23.56 -3.47
CA THR C 68 19.51 -22.96 -2.16
C THR C 68 20.43 -21.75 -2.14
N VAL C 69 20.01 -20.75 -1.36
CA VAL C 69 20.83 -19.58 -1.13
C VAL C 69 21.44 -19.59 0.27
N MET C 70 22.57 -18.93 0.46
CA MET C 70 23.19 -18.88 1.78
C MET C 70 22.99 -17.53 2.51
N TRP C 71 22.56 -17.61 3.75
CA TRP C 71 22.43 -16.43 4.60
C TRP C 71 23.66 -16.29 5.52
N GLY C 72 24.34 -15.17 5.36
CA GLY C 72 25.51 -14.82 6.14
C GLY C 72 25.39 -13.41 6.77
N LYS C 73 26.31 -13.00 7.65
CA LYS C 73 26.24 -11.67 8.28
C LYS C 73 26.17 -10.43 7.38
N GLU C 74 26.61 -10.54 6.14
CA GLU C 74 26.49 -9.42 5.20
C GLU C 74 25.30 -9.53 4.26
N SER C 75 24.48 -10.58 4.35
CA SER C 75 23.34 -10.78 3.47
C SER C 75 22.27 -9.70 3.58
N LYS C 76 22.04 -8.91 2.54
CA LYS C 76 21.02 -7.85 2.57
C LYS C 76 19.59 -8.21 2.18
N GLY C 77 19.38 -9.36 1.54
CA GLY C 77 18.03 -9.73 1.15
C GLY C 77 17.94 -10.33 -0.23
N TRP C 78 16.94 -11.17 -0.44
CA TRP C 78 16.75 -11.86 -1.71
C TRP C 78 15.31 -11.70 -2.21
N TRP C 79 15.13 -11.69 -3.52
CA TRP C 79 13.79 -11.60 -4.08
C TRP C 79 13.55 -12.50 -5.28
N TRP C 80 12.32 -12.92 -5.46
CA TRP C 80 11.92 -13.74 -6.60
C TRP C 80 10.59 -13.24 -7.16
N LYS C 81 10.28 -13.52 -8.42
CA LYS C 81 8.98 -13.15 -8.99
C LYS C 81 8.23 -14.40 -9.46
N LEU C 82 6.93 -14.44 -9.36
CA LEU C 82 6.11 -15.58 -9.78
C LEU C 82 5.12 -15.21 -10.87
N PRO C 83 4.90 -16.02 -11.93
CA PRO C 83 5.53 -17.31 -12.16
C PRO C 83 6.99 -17.45 -12.59
N ASP C 84 7.70 -16.36 -12.81
CA ASP C 84 9.09 -16.43 -13.29
C ASP C 84 10.03 -17.43 -12.61
N ALA C 85 10.09 -17.52 -11.28
CA ALA C 85 10.93 -18.49 -10.57
C ALA C 85 10.72 -19.94 -10.99
N LEU C 86 9.51 -20.22 -11.45
CA LEU C 86 9.14 -21.55 -11.89
C LEU C 86 9.11 -21.79 -13.41
N ARG C 87 9.46 -20.83 -14.26
CA ARG C 87 9.44 -20.97 -15.74
C ARG C 87 10.12 -22.19 -16.36
N ASP C 88 11.08 -22.78 -15.64
CA ASP C 88 11.80 -23.97 -16.09
C ASP C 88 11.55 -25.21 -15.23
N MET C 89 10.51 -25.17 -14.40
CA MET C 89 10.17 -26.30 -13.54
C MET C 89 9.20 -27.32 -14.14
N GLY C 90 9.79 -28.42 -14.64
CA GLY C 90 9.04 -29.55 -15.19
C GLY C 90 7.89 -29.22 -16.15
N LEU C 91 6.77 -29.91 -16.00
CA LEU C 91 5.62 -29.64 -16.86
C LEU C 91 4.88 -28.32 -16.59
N PHE C 92 5.11 -27.64 -15.45
CA PHE C 92 4.55 -26.31 -15.22
C PHE C 92 5.14 -25.33 -16.24
N GLY C 93 6.47 -25.35 -16.34
CA GLY C 93 7.19 -24.51 -17.30
C GLY C 93 6.70 -24.69 -18.73
N GLN C 94 6.60 -25.96 -19.17
CA GLN C 94 6.09 -26.30 -20.50
C GLN C 94 4.68 -25.78 -20.76
N ASN C 95 3.77 -25.99 -19.81
CA ASN C 95 2.42 -25.47 -19.94
C ASN C 95 2.37 -23.96 -20.05
N MET C 96 3.17 -23.29 -19.21
CA MET C 96 3.32 -21.84 -19.22
C MET C 96 3.79 -21.32 -20.58
N TYR C 97 4.79 -21.95 -21.18
CA TYR C 97 5.29 -21.53 -22.49
C TYR C 97 4.54 -21.96 -23.73
N TYR C 98 3.77 -23.06 -23.70
CA TYR C 98 2.94 -23.42 -24.84
C TYR C 98 1.61 -22.67 -24.92
N HIS C 99 1.25 -21.92 -23.88
CA HIS C 99 0.01 -21.20 -23.89
C HIS C 99 0.16 -19.67 -23.79
N TYR C 100 -0.70 -18.93 -24.49
CA TYR C 100 -0.79 -17.49 -24.35
C TYR C 100 -1.24 -17.04 -22.97
N LEU C 101 -2.14 -17.80 -22.37
CA LEU C 101 -2.67 -17.46 -21.05
C LEU C 101 -2.52 -18.53 -20.00
N GLY C 102 -2.28 -18.09 -18.77
CA GLY C 102 -2.17 -18.99 -17.63
C GLY C 102 -2.47 -18.33 -16.30
N ARG C 103 -3.21 -18.99 -15.41
CA ARG C 103 -3.39 -18.49 -14.07
C ARG C 103 -3.06 -19.59 -13.07
N SER C 104 -2.50 -19.20 -11.93
CA SER C 104 -2.15 -20.15 -10.88
C SER C 104 -2.00 -19.51 -9.52
N GLY C 105 -2.44 -20.21 -8.51
CA GLY C 105 -2.18 -19.83 -7.13
C GLY C 105 -0.89 -20.52 -6.65
N TYR C 106 -0.42 -20.34 -5.42
CA TYR C 106 0.82 -20.97 -4.97
C TYR C 106 0.91 -21.25 -3.49
N THR C 107 1.49 -22.37 -3.08
CA THR C 107 1.87 -22.54 -1.68
C THR C 107 3.37 -22.31 -1.63
N VAL C 108 3.78 -21.30 -0.90
CA VAL C 108 5.17 -20.98 -0.74
C VAL C 108 5.66 -21.48 0.61
N HIS C 109 6.71 -22.30 0.58
CA HIS C 109 7.31 -22.77 1.82
C HIS C 109 8.78 -22.40 1.95
N VAL C 110 9.09 -21.42 2.79
CA VAL C 110 10.47 -21.03 3.02
C VAL C 110 11.09 -21.81 4.20
N GLN C 111 12.26 -22.39 3.97
CA GLN C 111 13.00 -23.23 4.91
C GLN C 111 14.35 -22.70 5.43
N CYS C 112 14.49 -22.48 6.73
CA CYS C 112 15.73 -22.02 7.35
C CYS C 112 15.87 -22.46 8.81
N ASN C 113 16.54 -23.58 9.05
CA ASN C 113 16.82 -24.06 10.39
C ASN C 113 18.24 -23.70 10.82
N ALA C 114 18.43 -23.54 12.13
CA ALA C 114 19.77 -23.26 12.66
C ALA C 114 20.04 -23.97 13.98
N SER C 115 20.00 -23.34 15.15
CA SER C 115 20.15 -24.07 16.41
C SER C 115 19.71 -23.19 17.56
N LYS C 116 19.42 -23.74 18.75
CA LYS C 116 19.03 -22.97 19.91
C LYS C 116 19.99 -21.84 20.32
N PHE C 117 21.23 -21.93 19.85
CA PHE C 117 22.27 -20.95 20.12
C PHE C 117 22.52 -19.96 18.97
N HIS C 118 21.82 -20.11 17.86
CA HIS C 118 21.92 -19.16 16.76
C HIS C 118 20.90 -18.05 16.93
N GLN C 119 21.11 -17.00 16.16
CA GLN C 119 20.32 -15.78 16.25
C GLN C 119 19.99 -15.17 14.89
N GLY C 120 18.82 -14.59 14.72
CA GLY C 120 18.47 -13.97 13.45
C GLY C 120 16.99 -14.07 13.10
N ALA C 121 16.54 -13.11 12.32
CA ALA C 121 15.16 -13.07 11.89
C ALA C 121 14.93 -12.62 10.45
N LEU C 122 14.26 -13.51 9.71
CA LEU C 122 13.88 -13.28 8.33
C LEU C 122 12.46 -12.81 8.08
N GLY C 123 12.29 -11.69 7.43
CA GLY C 123 10.97 -11.20 7.01
C GLY C 123 10.61 -11.76 5.64
N VAL C 124 9.63 -12.68 5.59
CA VAL C 124 9.17 -13.27 4.34
C VAL C 124 7.86 -12.62 3.88
N PHE C 125 7.94 -11.92 2.76
CA PHE C 125 6.83 -11.14 2.22
C PHE C 125 6.28 -11.49 0.84
N ALA C 126 4.97 -11.66 0.76
CA ALA C 126 4.29 -11.94 -0.50
C ALA C 126 3.63 -10.68 -1.08
N ILE C 127 4.27 -10.09 -2.07
CA ILE C 127 3.80 -8.81 -2.63
C ILE C 127 3.06 -8.87 -3.97
N PRO C 128 1.78 -8.46 -4.09
CA PRO C 128 1.05 -8.43 -5.35
C PRO C 128 1.72 -7.41 -6.26
N GLU C 129 1.95 -7.66 -7.54
CA GLU C 129 2.56 -6.67 -8.44
C GLU C 129 3.84 -6.00 -7.93
N TYR C 130 4.83 -6.78 -7.50
CA TYR C 130 6.06 -6.20 -6.95
C TYR C 130 6.99 -5.49 -7.94
N CYS C 131 6.58 -4.29 -8.34
CA CYS C 131 7.41 -3.48 -9.23
C CYS C 131 8.66 -2.99 -8.52
N LEU C 132 9.82 -3.26 -9.11
CA LEU C 132 11.10 -2.84 -8.54
C LEU C 132 11.80 -1.67 -9.23
N ALA C 133 12.56 -0.91 -8.46
CA ALA C 133 13.30 0.21 -9.04
C ALA C 133 14.59 -0.11 -9.75
N GLY C 134 15.00 0.72 -10.69
CA GLY C 134 16.18 0.45 -11.52
C GLY C 134 17.50 1.21 -11.30
N ASP C 135 18.43 0.82 -12.17
CA ASP C 135 19.80 1.30 -12.37
C ASP C 135 20.16 2.77 -12.54
N SER C 136 19.29 3.37 -13.32
CA SER C 136 19.58 4.60 -14.02
C SER C 136 18.89 5.93 -13.77
N ASP C 137 19.41 6.93 -14.49
CA ASP C 137 18.72 8.17 -14.73
C ASP C 137 17.48 7.92 -15.62
N LYS C 138 17.62 6.87 -16.42
CA LYS C 138 16.56 6.36 -17.27
C LYS C 138 15.42 5.66 -16.53
N GLN C 139 14.23 6.20 -16.69
CA GLN C 139 13.05 5.65 -16.05
C GLN C 139 12.41 4.45 -16.75
N ARG C 140 11.90 3.47 -16.00
CA ARG C 140 11.22 2.28 -16.53
C ARG C 140 12.01 1.49 -17.57
N TYR C 141 13.32 1.61 -17.43
CA TYR C 141 14.26 1.03 -18.37
C TYR C 141 14.84 -0.35 -18.07
N THR C 142 14.48 -1.04 -16.98
CA THR C 142 15.00 -2.38 -16.71
C THR C 142 14.59 -3.38 -17.78
N SER C 143 15.56 -4.03 -18.40
CA SER C 143 15.26 -4.98 -19.48
C SER C 143 14.58 -6.27 -19.03
N TYR C 144 13.74 -6.85 -19.91
CA TYR C 144 13.06 -8.12 -19.64
C TYR C 144 13.96 -9.22 -19.07
N ALA C 145 15.09 -9.45 -19.71
CA ALA C 145 16.06 -10.44 -19.25
C ALA C 145 16.53 -10.17 -17.83
N ASN C 146 16.81 -8.91 -17.51
CA ASN C 146 17.20 -8.56 -16.15
C ASN C 146 16.09 -8.50 -15.10
N ALA C 147 14.89 -8.19 -15.54
CA ALA C 147 13.75 -8.18 -14.63
C ALA C 147 13.30 -9.57 -14.19
N ASN C 148 13.66 -10.55 -15.02
CA ASN C 148 13.29 -11.92 -14.80
C ASN C 148 14.44 -12.87 -14.54
N PRO C 149 14.99 -13.03 -13.33
CA PRO C 149 16.15 -13.89 -13.10
C PRO C 149 15.83 -15.38 -13.07
N GLY C 150 14.55 -15.75 -13.20
CA GLY C 150 14.14 -17.14 -12.99
C GLY C 150 14.35 -17.65 -11.57
N GLU C 151 14.62 -18.93 -11.45
CA GLU C 151 14.89 -19.63 -10.18
C GLU C 151 15.95 -19.01 -9.26
N ARG C 152 16.91 -18.44 -9.96
CA ARG C 152 18.06 -17.79 -9.36
C ARG C 152 17.75 -16.60 -8.46
N GLY C 153 16.65 -15.93 -8.80
CA GLY C 153 16.25 -14.75 -8.10
C GLY C 153 17.24 -13.61 -8.19
N GLY C 154 16.92 -12.59 -7.42
CA GLY C 154 17.77 -11.42 -7.34
C GLY C 154 18.12 -11.07 -5.90
N LYS C 155 18.75 -9.93 -5.76
CA LYS C 155 19.17 -9.48 -4.46
C LYS C 155 18.87 -8.02 -4.13
N PHE C 156 18.94 -7.71 -2.84
CA PHE C 156 18.87 -6.35 -2.41
C PHE C 156 20.25 -5.76 -2.11
N TYR C 157 20.30 -4.45 -2.01
CA TYR C 157 21.52 -3.72 -1.71
C TYR C 157 21.30 -2.76 -0.55
N SER C 158 22.31 -2.45 0.26
CA SER C 158 22.15 -1.45 1.31
C SER C 158 22.03 -0.02 0.84
N GLN C 159 22.44 0.26 -0.38
CA GLN C 159 22.32 1.61 -0.91
C GLN C 159 22.26 1.75 -2.43
N PHE C 160 21.83 2.91 -2.91
CA PHE C 160 21.66 3.13 -4.34
C PHE C 160 22.89 3.48 -5.16
N ASN C 161 23.46 2.49 -5.80
CA ASN C 161 24.59 2.72 -6.71
C ASN C 161 24.03 2.91 -8.11
N LYS C 162 23.98 4.15 -8.56
CA LYS C 162 23.50 4.47 -9.90
C LYS C 162 24.34 3.93 -11.06
N ASP C 163 23.86 3.09 -11.95
CA ASP C 163 24.63 2.68 -13.13
C ASP C 163 24.94 3.84 -14.08
N ASN C 164 26.15 4.33 -13.86
CA ASN C 164 26.70 5.40 -14.64
C ASN C 164 27.07 5.25 -16.11
N ALA C 165 27.39 4.07 -16.62
CA ALA C 165 27.87 3.94 -18.00
C ALA C 165 26.89 4.18 -19.18
N VAL C 166 26.38 5.40 -19.34
CA VAL C 166 25.42 5.85 -20.38
C VAL C 166 25.59 5.23 -21.80
N THR C 167 26.83 4.95 -22.17
CA THR C 167 27.15 4.24 -23.41
C THR C 167 26.69 2.77 -23.49
N SER C 168 26.91 1.95 -22.48
CA SER C 168 26.44 0.56 -22.46
C SER C 168 25.81 0.23 -21.12
N PRO C 169 24.52 0.54 -20.97
CA PRO C 169 23.84 0.53 -19.69
C PRO C 169 23.53 -0.89 -19.24
N LYS C 170 23.63 -1.24 -17.97
CA LYS C 170 23.26 -2.57 -17.54
C LYS C 170 21.78 -2.92 -17.53
N ARG C 171 20.88 -1.94 -17.56
CA ARG C 171 19.41 -2.12 -17.52
C ARG C 171 18.86 -3.14 -16.51
N GLU C 172 19.41 -2.97 -15.32
CA GLU C 172 19.13 -3.78 -14.15
C GLU C 172 18.36 -3.06 -13.06
N PHE C 173 17.75 -3.79 -12.16
CA PHE C 173 17.16 -3.20 -10.98
C PHE C 173 18.25 -2.77 -9.98
N CYS C 174 17.96 -1.81 -9.11
CA CYS C 174 18.86 -1.52 -8.01
C CYS C 174 18.02 -1.51 -6.74
N PRO C 175 17.59 -2.67 -6.21
CA PRO C 175 16.71 -2.75 -5.06
C PRO C 175 17.36 -2.39 -3.74
N VAL C 176 17.11 -1.21 -3.17
CA VAL C 176 17.67 -0.84 -1.86
C VAL C 176 16.84 -1.43 -0.70
N ASP C 177 17.42 -2.20 0.21
CA ASP C 177 16.70 -2.85 1.29
C ASP C 177 15.67 -2.06 2.13
N TYR C 178 16.04 -0.97 2.81
CA TYR C 178 15.08 -0.25 3.64
C TYR C 178 13.98 0.48 2.90
N LEU C 179 14.15 0.54 1.59
CA LEU C 179 13.11 1.08 0.71
C LEU C 179 12.26 0.00 0.00
N LEU C 180 12.34 -1.25 0.49
CA LEU C 180 11.74 -2.47 -0.11
C LEU C 180 12.00 -2.59 -1.61
N GLY C 181 13.12 -2.03 -2.05
CA GLY C 181 13.48 -1.94 -3.45
C GLY C 181 12.52 -1.12 -4.32
N CYS C 182 11.54 -0.42 -3.77
CA CYS C 182 10.54 0.29 -4.57
C CYS C 182 10.09 1.69 -4.17
N GLY C 183 10.87 2.45 -3.38
CA GLY C 183 10.50 3.83 -3.02
C GLY C 183 9.66 4.02 -1.75
N VAL C 184 9.33 2.94 -1.05
CA VAL C 184 8.54 2.98 0.19
C VAL C 184 9.37 2.59 1.42
N LEU C 185 8.93 2.59 2.68
CA LEU C 185 9.79 2.06 3.74
C LEU C 185 9.54 0.60 4.06
N LEU C 186 10.57 -0.24 4.24
CA LEU C 186 10.41 -1.65 4.58
C LEU C 186 9.52 -1.94 5.79
N GLY C 187 9.59 -1.11 6.82
CA GLY C 187 8.76 -1.28 8.02
C GLY C 187 7.28 -1.43 7.73
N ASN C 188 6.84 -0.83 6.64
CA ASN C 188 5.44 -0.94 6.23
C ASN C 188 5.08 -2.13 5.34
N ALA C 189 6.07 -2.90 4.89
CA ALA C 189 5.83 -4.10 4.08
C ALA C 189 4.97 -5.16 4.77
N PHE C 190 4.79 -5.04 6.10
CA PHE C 190 3.90 -5.91 6.84
C PHE C 190 2.42 -5.83 6.44
N VAL C 191 1.97 -4.77 5.75
CA VAL C 191 0.60 -4.75 5.20
C VAL C 191 0.40 -5.79 4.08
N TYR C 192 1.50 -6.35 3.62
CA TYR C 192 1.48 -7.47 2.70
C TYR C 192 1.40 -8.80 3.43
N PRO C 193 0.73 -9.84 2.88
CA PRO C 193 0.79 -11.19 3.40
C PRO C 193 2.22 -11.63 3.72
N HIS C 194 2.45 -12.09 4.94
CA HIS C 194 3.80 -12.35 5.38
C HIS C 194 3.92 -13.29 6.57
N GLN C 195 5.14 -13.74 6.81
CA GLN C 195 5.50 -14.45 8.04
C GLN C 195 6.92 -14.10 8.44
N ILE C 196 7.30 -14.33 9.69
CA ILE C 196 8.67 -14.07 10.11
C ILE C 196 9.34 -15.36 10.55
N ILE C 197 10.53 -15.64 10.07
CA ILE C 197 11.31 -16.75 10.59
C ILE C 197 12.28 -16.19 11.63
N ASN C 198 11.85 -16.19 12.88
CA ASN C 198 12.73 -15.79 13.95
C ASN C 198 13.28 -17.11 14.47
N LEU C 199 14.58 -17.34 14.27
CA LEU C 199 15.21 -18.64 14.59
C LEU C 199 15.03 -19.27 15.96
N ARG C 200 14.73 -18.47 17.02
CA ARG C 200 14.40 -19.03 18.33
C ARG C 200 13.00 -19.61 18.42
N THR C 201 12.19 -19.25 17.46
CA THR C 201 10.78 -19.64 17.37
C THR C 201 10.48 -20.70 16.31
N ASN C 202 10.87 -20.47 15.05
CA ASN C 202 10.52 -21.37 13.95
C ASN C 202 11.51 -21.68 12.82
N ASN C 203 11.47 -22.90 12.25
CA ASN C 203 12.29 -23.31 11.10
C ASN C 203 11.89 -22.68 9.79
N SER C 204 10.58 -22.50 9.68
CA SER C 204 9.99 -22.16 8.39
C SER C 204 8.80 -21.26 8.38
N ALA C 205 8.57 -20.76 7.15
CA ALA C 205 7.42 -19.92 6.84
C ALA C 205 6.53 -20.54 5.76
N THR C 206 5.21 -20.49 5.91
CA THR C 206 4.31 -21.04 4.90
C THR C 206 3.19 -20.07 4.57
N ILE C 207 3.21 -19.59 3.33
CA ILE C 207 2.21 -18.67 2.83
C ILE C 207 1.46 -19.25 1.64
N VAL C 208 0.14 -19.33 1.68
CA VAL C 208 -0.70 -19.76 0.56
C VAL C 208 -1.21 -18.54 -0.23
N LEU C 209 -0.77 -18.38 -1.46
CA LEU C 209 -1.19 -17.28 -2.33
C LEU C 209 -2.30 -17.58 -3.34
N PRO C 210 -3.39 -16.78 -3.33
CA PRO C 210 -4.42 -16.82 -4.35
C PRO C 210 -3.90 -16.21 -5.64
N TYR C 211 -4.56 -16.42 -6.77
CA TYR C 211 -4.18 -15.67 -7.98
C TYR C 211 -4.69 -14.24 -7.78
N VAL C 212 -3.80 -13.27 -7.74
CA VAL C 212 -4.22 -11.87 -7.63
C VAL C 212 -3.90 -11.09 -8.89
N ASN C 213 -4.92 -10.48 -9.48
CA ASN C 213 -4.78 -9.66 -10.68
C ASN C 213 -5.99 -8.77 -10.94
N ALA C 214 -5.83 -7.79 -11.82
CA ALA C 214 -6.95 -6.98 -12.31
C ALA C 214 -7.76 -7.69 -13.42
N LEU C 215 -7.37 -8.91 -13.76
CA LEU C 215 -7.99 -9.77 -14.77
C LEU C 215 -8.18 -11.19 -14.28
N ALA C 216 -9.14 -11.97 -14.79
CA ALA C 216 -9.28 -13.39 -14.38
C ALA C 216 -8.11 -14.28 -14.80
N ILE C 217 -7.48 -13.92 -15.89
CA ILE C 217 -6.31 -14.61 -16.43
C ILE C 217 -5.46 -13.64 -17.27
N ASP C 218 -4.17 -13.93 -17.43
CA ASP C 218 -3.27 -13.05 -18.17
C ASP C 218 -2.10 -13.82 -18.77
N SER C 219 -1.21 -13.13 -19.44
CA SER C 219 0.03 -13.74 -19.93
C SER C 219 1.09 -13.90 -18.84
N MET C 220 1.34 -15.16 -18.44
CA MET C 220 2.41 -15.47 -17.49
C MET C 220 3.81 -15.07 -17.97
N VAL C 221 4.08 -15.12 -19.27
CA VAL C 221 5.38 -14.73 -19.82
C VAL C 221 5.62 -13.21 -19.75
N LYS C 222 4.60 -12.43 -19.99
CA LYS C 222 4.73 -10.97 -19.91
C LYS C 222 4.65 -10.35 -18.53
N HIS C 223 3.91 -11.00 -17.63
CA HIS C 223 3.62 -10.42 -16.32
C HIS C 223 3.67 -11.30 -15.09
N ASN C 224 4.40 -10.85 -14.11
CA ASN C 224 4.44 -11.53 -12.82
C ASN C 224 3.37 -11.03 -11.88
N ASN C 225 2.67 -11.95 -11.23
CA ASN C 225 1.55 -11.64 -10.34
C ASN C 225 1.97 -11.35 -8.91
N TRP C 226 2.90 -12.19 -8.45
CA TRP C 226 3.41 -12.08 -7.09
C TRP C 226 4.92 -11.98 -7.00
N GLY C 227 5.42 -11.18 -6.07
CA GLY C 227 6.85 -11.13 -5.76
C GLY C 227 7.13 -11.71 -4.37
N ILE C 228 8.14 -12.55 -4.21
CA ILE C 228 8.52 -13.06 -2.89
C ILE C 228 9.73 -12.27 -2.45
N ALA C 229 9.64 -11.53 -1.33
CA ALA C 229 10.81 -10.82 -0.80
C ALA C 229 11.23 -11.32 0.56
N ILE C 230 12.47 -11.76 0.67
CA ILE C 230 13.01 -12.22 1.95
C ILE C 230 14.10 -11.27 2.45
N LEU C 231 13.88 -10.51 3.52
CA LEU C 231 14.93 -9.66 4.07
C LEU C 231 15.33 -9.96 5.51
N PRO C 232 16.60 -9.85 5.91
CA PRO C 232 16.99 -10.12 7.28
C PRO C 232 16.56 -8.96 8.17
N LEU C 233 15.42 -9.09 8.82
CA LEU C 233 14.93 -8.07 9.75
C LEU C 233 15.83 -7.88 10.96
N SER C 234 16.48 -8.98 11.29
CA SER C 234 17.50 -8.97 12.32
C SER C 234 18.65 -9.87 11.84
N PRO C 235 19.88 -9.41 11.83
CA PRO C 235 21.01 -10.11 11.24
C PRO C 235 21.40 -11.45 11.88
N LEU C 236 21.93 -12.36 11.08
CA LEU C 236 22.37 -13.65 11.58
C LEU C 236 23.58 -13.52 12.49
N ASP C 237 23.52 -14.27 13.58
CA ASP C 237 24.61 -14.29 14.54
C ASP C 237 24.68 -15.62 15.28
N PHE C 238 25.89 -16.01 15.63
CA PHE C 238 26.12 -17.26 16.32
C PHE C 238 27.38 -17.26 17.16
N ALA C 239 27.22 -17.73 18.41
CA ALA C 239 28.28 -17.75 19.41
C ALA C 239 29.14 -16.46 19.32
N GLN C 240 30.38 -16.50 18.87
CA GLN C 240 31.13 -15.27 18.59
C GLN C 240 31.75 -15.34 17.20
N ASP C 241 31.42 -16.37 16.42
CA ASP C 241 32.06 -16.58 15.12
C ASP C 241 31.56 -15.53 14.14
N SER C 242 32.43 -14.58 13.83
CA SER C 242 32.15 -13.50 12.88
C SER C 242 31.76 -13.94 11.47
N SER C 243 32.10 -15.14 11.01
CA SER C 243 31.68 -15.58 9.67
C SER C 243 30.68 -16.75 9.59
N VAL C 244 29.58 -16.67 10.34
CA VAL C 244 28.52 -17.67 10.31
C VAL C 244 27.76 -17.72 8.97
N GLU C 245 27.35 -18.90 8.53
CA GLU C 245 26.57 -19.06 7.33
C GLU C 245 25.54 -20.20 7.34
N ILE C 246 24.24 -19.94 7.22
CA ILE C 246 23.24 -21.00 7.16
C ILE C 246 22.41 -20.97 5.88
N PRO C 247 21.92 -22.09 5.35
CA PRO C 247 21.10 -22.12 4.14
C PRO C 247 19.65 -21.66 4.28
N ILE C 248 19.14 -21.06 3.22
CA ILE C 248 17.72 -20.73 3.07
C ILE C 248 17.22 -21.43 1.81
N THR C 249 16.25 -22.31 1.96
CA THR C 249 15.69 -23.01 0.81
C THR C 249 14.23 -22.65 0.56
N VAL C 250 13.94 -22.19 -0.64
CA VAL C 250 12.56 -21.87 -1.04
C VAL C 250 11.89 -22.99 -1.87
N THR C 251 10.81 -23.59 -1.37
CA THR C 251 10.09 -24.62 -2.13
C THR C 251 8.71 -24.11 -2.47
N ILE C 252 8.35 -24.05 -3.75
CA ILE C 252 7.04 -23.51 -4.19
C ILE C 252 6.16 -24.48 -4.97
N ALA C 253 4.87 -24.48 -4.69
CA ALA C 253 3.91 -25.30 -5.43
C ALA C 253 2.82 -24.49 -6.17
N PRO C 254 2.68 -24.54 -7.50
CA PRO C 254 1.50 -24.02 -8.18
C PRO C 254 0.20 -24.69 -7.76
N MET C 255 -0.86 -23.91 -7.69
CA MET C 255 -2.14 -24.40 -7.22
C MET C 255 -3.27 -23.97 -8.13
N CYS C 256 -4.26 -24.83 -8.38
CA CYS C 256 -5.40 -24.54 -9.28
C CYS C 256 -5.03 -23.92 -10.63
N SER C 257 -3.91 -24.37 -11.16
CA SER C 257 -3.37 -23.94 -12.45
C SER C 257 -4.21 -24.26 -13.68
N GLU C 258 -4.58 -23.24 -14.43
CA GLU C 258 -5.27 -23.46 -15.68
C GLU C 258 -4.74 -22.59 -16.79
N PHE C 259 -4.80 -23.15 -17.98
CA PHE C 259 -4.23 -22.50 -19.15
C PHE C 259 -5.11 -22.42 -20.37
N ASN C 260 -5.04 -21.26 -21.00
CA ASN C 260 -5.77 -20.96 -22.22
C ASN C 260 -4.88 -20.46 -23.38
N GLY C 261 -5.37 -20.57 -24.61
CA GLY C 261 -4.63 -20.10 -25.77
C GLY C 261 -3.47 -20.97 -26.21
N LEU C 262 -3.71 -22.24 -26.51
CA LEU C 262 -2.65 -23.14 -26.96
C LEU C 262 -2.19 -22.94 -28.39
N ARG C 263 -0.88 -22.91 -28.52
CA ARG C 263 -0.22 -22.83 -29.81
C ARG C 263 1.26 -23.27 -29.77
N ASN C 264 2.13 -22.79 -30.65
CA ASN C 264 3.53 -23.18 -30.61
C ASN C 264 4.29 -22.56 -29.45
N VAL C 265 5.34 -23.22 -28.98
CA VAL C 265 6.03 -22.77 -27.77
C VAL C 265 6.78 -21.44 -27.81
N THR C 266 6.53 -20.65 -26.77
CA THR C 266 7.28 -19.41 -26.57
C THR C 266 8.68 -19.68 -26.05
N ALA C 267 9.62 -19.20 -26.83
CA ALA C 267 11.03 -19.27 -26.48
C ALA C 267 11.61 -17.88 -26.21
N PRO C 268 11.56 -17.37 -24.98
CA PRO C 268 12.10 -16.07 -24.66
C PRO C 268 13.61 -16.02 -24.76
N LYS C 269 14.11 -14.85 -25.14
CA LYS C 269 15.54 -14.68 -25.20
C LYS C 269 16.11 -14.15 -23.87
N PHE C 270 16.73 -15.04 -23.10
CA PHE C 270 17.27 -14.63 -21.81
C PHE C 270 18.74 -14.22 -21.74
N GLN C 271 19.23 -13.80 -22.88
CA GLN C 271 20.60 -13.35 -22.97
C GLN C 271 20.58 -11.86 -23.30
N GLY D 1 -41.63 29.31 -17.74
CA GLY D 1 -40.40 29.68 -17.06
C GLY D 1 -40.56 29.80 -15.55
N LEU D 2 -40.17 28.81 -14.75
CA LEU D 2 -40.26 28.84 -13.29
C LEU D 2 -39.45 29.98 -12.69
N PRO D 3 -40.08 30.88 -11.95
CA PRO D 3 -39.42 32.01 -11.32
C PRO D 3 -38.38 31.60 -10.28
N VAL D 4 -37.10 31.74 -10.54
CA VAL D 4 -36.02 31.38 -9.60
C VAL D 4 -35.14 32.54 -9.11
N LEU D 5 -34.50 32.42 -7.97
CA LEU D 5 -33.62 33.45 -7.47
C LEU D 5 -32.31 32.82 -7.00
N ASN D 6 -31.25 33.27 -7.64
CA ASN D 6 -29.93 32.78 -7.35
C ASN D 6 -29.38 33.14 -5.99
N THR D 7 -29.03 32.14 -5.19
CA THR D 7 -28.49 32.39 -3.86
C THR D 7 -26.97 32.56 -3.84
N PRO D 8 -26.34 33.21 -2.84
CA PRO D 8 -24.91 33.08 -2.62
C PRO D 8 -24.40 31.65 -2.63
N GLY D 9 -23.19 31.55 -3.17
CA GLY D 9 -22.57 30.27 -3.50
C GLY D 9 -22.74 29.94 -4.99
N SER D 10 -23.71 30.58 -5.65
CA SER D 10 -23.94 30.39 -7.07
C SER D 10 -22.74 30.54 -7.97
N ASN D 11 -22.51 29.57 -8.83
CA ASN D 11 -21.37 29.50 -9.78
C ASN D 11 -19.99 29.32 -9.17
N GLN D 12 -19.93 28.95 -7.89
CA GLN D 12 -18.65 28.65 -7.27
C GLN D 12 -18.23 27.21 -7.52
N TYR D 13 -16.94 26.95 -7.29
CA TYR D 13 -16.47 25.58 -7.31
C TYR D 13 -15.83 25.12 -5.99
N LEU D 14 -16.56 24.32 -5.23
CA LEU D 14 -16.00 23.72 -4.03
C LEU D 14 -15.37 22.35 -4.31
N THR D 15 -14.07 22.22 -4.11
CA THR D 15 -13.31 20.97 -4.23
C THR D 15 -13.92 19.80 -3.44
N SER D 16 -14.42 20.08 -2.23
CA SER D 16 -15.14 19.13 -1.38
C SER D 16 -16.59 18.78 -1.77
N ASP D 17 -17.15 19.36 -2.83
CA ASP D 17 -18.55 19.16 -3.08
C ASP D 17 -18.99 17.83 -3.66
N ASN D 18 -20.29 17.59 -3.56
CA ASN D 18 -20.86 16.34 -4.03
C ASN D 18 -22.06 16.48 -4.97
N HIS D 19 -21.82 16.73 -6.25
CA HIS D 19 -22.92 16.96 -7.20
C HIS D 19 -22.93 16.13 -8.47
N GLN D 20 -24.11 16.02 -9.06
CA GLN D 20 -24.23 15.40 -10.38
C GLN D 20 -23.66 16.22 -11.54
N SER D 21 -23.23 15.54 -12.60
CA SER D 21 -22.69 16.20 -13.76
C SER D 21 -22.83 15.39 -15.05
N PRO D 22 -22.90 15.96 -16.25
CA PRO D 22 -23.16 15.21 -17.46
C PRO D 22 -22.12 14.17 -17.82
N CYS D 23 -22.51 12.98 -18.22
CA CYS D 23 -21.55 11.97 -18.65
C CYS D 23 -21.01 12.22 -20.04
N ALA D 24 -19.72 12.48 -20.13
CA ALA D 24 -19.06 12.69 -21.42
C ALA D 24 -19.05 11.47 -22.37
N ILE D 25 -19.08 10.21 -21.90
CA ILE D 25 -19.17 9.08 -22.81
C ILE D 25 -20.44 8.29 -22.46
N PRO D 26 -21.57 8.64 -23.08
CA PRO D 26 -22.85 7.96 -22.91
C PRO D 26 -22.88 6.51 -23.37
N GLU D 27 -23.79 5.73 -22.78
CA GLU D 27 -24.01 4.32 -23.08
C GLU D 27 -22.81 3.36 -23.23
N PHE D 28 -21.68 3.74 -22.63
CA PHE D 28 -20.46 2.94 -22.57
C PHE D 28 -20.64 1.57 -21.90
N ASP D 29 -20.31 0.48 -22.59
CA ASP D 29 -20.39 -0.82 -21.97
C ASP D 29 -19.28 -1.05 -20.94
N VAL D 30 -19.55 -0.82 -19.66
CA VAL D 30 -18.54 -0.99 -18.62
C VAL D 30 -18.08 -2.42 -18.32
N THR D 31 -16.78 -2.66 -18.26
CA THR D 31 -16.28 -3.97 -17.84
C THR D 31 -16.78 -4.32 -16.44
N PRO D 32 -17.47 -5.45 -16.21
CA PRO D 32 -17.95 -5.86 -14.91
C PRO D 32 -16.86 -6.10 -13.87
N PRO D 33 -17.10 -6.02 -12.57
CA PRO D 33 -16.10 -6.38 -11.59
C PRO D 33 -15.85 -7.88 -11.54
N ILE D 34 -14.69 -8.28 -11.05
CA ILE D 34 -14.47 -9.69 -10.71
C ILE D 34 -14.08 -9.73 -9.25
N ASP D 35 -14.22 -10.82 -8.51
CA ASP D 35 -13.88 -10.82 -7.09
C ASP D 35 -12.36 -10.87 -6.85
N ILE D 36 -11.71 -9.71 -6.80
CA ILE D 36 -10.29 -9.65 -6.46
C ILE D 36 -10.09 -9.79 -4.95
N PRO D 37 -9.13 -10.57 -4.45
CA PRO D 37 -8.81 -10.60 -3.03
C PRO D 37 -8.21 -9.30 -2.47
N GLY D 38 -8.26 -9.12 -1.16
CA GLY D 38 -7.68 -7.93 -0.55
C GLY D 38 -8.44 -6.63 -0.64
N GLU D 39 -9.76 -6.59 -0.80
CA GLU D 39 -10.50 -5.34 -0.82
C GLU D 39 -10.57 -4.56 0.49
N VAL D 40 -10.36 -3.24 0.38
CA VAL D 40 -10.42 -2.35 1.53
C VAL D 40 -11.65 -1.44 1.50
N LYS D 41 -12.42 -1.40 2.59
CA LYS D 41 -13.56 -0.47 2.69
C LYS D 41 -13.28 0.81 3.48
N ASN D 42 -12.21 0.83 4.28
CA ASN D 42 -11.90 1.98 5.16
C ASN D 42 -10.41 2.11 5.48
N MET D 43 -9.83 3.30 5.39
CA MET D 43 -8.43 3.54 5.71
C MET D 43 -7.97 3.06 7.09
N MET D 44 -8.82 3.09 8.12
CA MET D 44 -8.46 2.59 9.44
C MET D 44 -8.10 1.11 9.51
N GLU D 45 -8.62 0.30 8.58
CA GLU D 45 -8.24 -1.11 8.48
C GLU D 45 -6.73 -1.29 8.35
N LEU D 46 -6.13 -0.33 7.63
CA LEU D 46 -4.69 -0.33 7.42
C LEU D 46 -3.93 0.07 8.69
N ALA D 47 -4.46 1.05 9.42
CA ALA D 47 -3.88 1.44 10.69
C ALA D 47 -3.97 0.38 11.80
N GLU D 48 -4.86 -0.60 11.64
CA GLU D 48 -4.97 -1.73 12.58
C GLU D 48 -3.99 -2.88 12.32
N ILE D 49 -3.26 -2.80 11.21
CA ILE D 49 -2.22 -3.77 10.85
C ILE D 49 -0.90 -3.40 11.53
N ASP D 50 -0.26 -4.32 12.25
CA ASP D 50 1.06 -4.07 12.82
C ASP D 50 2.17 -3.76 11.82
N THR D 51 2.72 -2.56 11.85
CA THR D 51 3.90 -2.26 11.04
C THR D 51 5.12 -1.96 11.89
N MET D 52 6.30 -2.20 11.34
CA MET D 52 7.52 -2.09 12.12
C MET D 52 7.99 -0.66 12.38
N ILE D 53 8.13 -0.34 13.67
CA ILE D 53 8.63 0.95 14.13
C ILE D 53 10.12 1.20 13.86
N PRO D 54 10.52 2.28 13.17
CA PRO D 54 11.91 2.74 13.11
C PRO D 54 12.40 3.32 14.44
N LEU D 55 12.50 2.48 15.47
CA LEU D 55 12.86 2.90 16.83
C LEU D 55 14.24 3.51 17.04
N ASN D 56 15.18 3.18 16.18
CA ASN D 56 16.53 3.67 16.33
C ASN D 56 16.96 4.70 15.28
N LEU D 57 16.61 5.97 15.48
CA LEU D 57 16.98 7.00 14.54
C LEU D 57 18.23 7.82 14.89
N GLU D 58 19.21 7.14 15.50
CA GLU D 58 20.51 7.73 15.81
C GLU D 58 21.31 8.00 14.55
N SER D 59 22.19 9.02 14.59
CA SER D 59 22.94 9.48 13.42
C SER D 59 23.38 8.51 12.32
N THR D 60 24.03 7.39 12.68
CA THR D 60 24.42 6.37 11.71
C THR D 60 23.42 5.24 11.46
N LYS D 61 22.36 5.16 12.26
CA LYS D 61 21.35 4.11 12.10
C LYS D 61 20.12 4.53 11.29
N ARG D 62 19.77 5.83 11.29
CA ARG D 62 18.61 6.27 10.53
C ARG D 62 18.74 6.14 9.02
N ASN D 63 17.61 5.83 8.36
CA ASN D 63 17.56 5.57 6.91
C ASN D 63 18.51 4.44 6.51
N THR D 64 18.45 3.46 7.40
CA THR D 64 19.26 2.26 7.30
C THR D 64 18.47 1.09 7.89
N MET D 65 18.72 -0.16 7.53
CA MET D 65 18.04 -1.29 8.14
C MET D 65 18.11 -1.32 9.67
N ASP D 66 19.25 -0.88 10.22
CA ASP D 66 19.43 -0.77 11.66
C ASP D 66 18.46 0.15 12.40
N MET D 67 17.84 1.13 11.74
CA MET D 67 16.83 1.97 12.38
C MET D 67 15.66 1.17 12.96
N TYR D 68 15.46 -0.05 12.49
CA TYR D 68 14.44 -0.95 13.00
C TYR D 68 14.89 -1.85 14.14
N ARG D 69 16.18 -1.87 14.41
CA ARG D 69 16.78 -2.74 15.42
C ARG D 69 17.25 -2.13 16.74
N VAL D 70 16.63 -2.45 17.86
CA VAL D 70 17.12 -1.98 19.15
C VAL D 70 18.00 -3.06 19.77
N THR D 71 19.20 -2.73 20.20
CA THR D 71 20.08 -3.72 20.80
C THR D 71 19.94 -3.95 22.29
N LEU D 72 19.67 -5.17 22.64
CA LEU D 72 19.62 -5.61 24.02
C LEU D 72 20.90 -6.41 24.33
N SER D 73 21.39 -6.40 25.56
CA SER D 73 22.56 -7.20 25.92
C SER D 73 22.63 -7.58 27.38
N ASP D 74 23.31 -8.68 27.69
CA ASP D 74 23.47 -9.11 29.08
C ASP D 74 24.37 -8.25 29.97
N SER D 75 24.94 -7.22 29.37
CA SER D 75 25.85 -6.32 30.05
C SER D 75 25.42 -4.85 29.96
N ALA D 76 24.19 -4.60 29.58
CA ALA D 76 23.67 -3.24 29.53
C ALA D 76 23.55 -2.55 30.89
N ASP D 77 23.68 -1.23 30.99
CA ASP D 77 23.49 -0.52 32.25
C ASP D 77 22.02 -0.58 32.68
N LEU D 78 21.69 -1.46 33.61
CA LEU D 78 20.32 -1.66 34.05
C LEU D 78 19.56 -0.46 34.65
N SER D 79 20.26 0.60 35.03
CA SER D 79 19.61 1.84 35.48
C SER D 79 19.03 2.67 34.34
N GLN D 80 19.59 2.50 33.16
CA GLN D 80 19.19 3.25 31.98
C GLN D 80 18.01 2.76 31.17
N PRO D 81 17.29 3.66 30.50
CA PRO D 81 16.22 3.28 29.59
C PRO D 81 16.66 2.52 28.36
N ILE D 82 16.02 1.41 27.98
CA ILE D 82 16.30 0.76 26.72
C ILE D 82 15.89 1.69 25.58
N LEU D 83 14.74 2.35 25.75
CA LEU D 83 14.23 3.35 24.80
C LEU D 83 13.17 4.26 25.45
N CYS D 84 13.11 5.50 24.95
CA CYS D 84 12.14 6.49 25.41
C CYS D 84 11.50 7.09 24.18
N LEU D 85 10.20 7.36 24.18
CA LEU D 85 9.49 7.83 22.99
C LEU D 85 8.23 8.62 23.34
N SER D 86 7.93 9.70 22.64
CA SER D 86 6.68 10.42 22.84
C SER D 86 5.40 9.89 22.21
N LEU D 87 4.24 9.90 22.89
CA LEU D 87 3.01 9.44 22.26
C LEU D 87 2.41 10.51 21.34
N SER D 88 3.03 10.59 20.17
CA SER D 88 2.57 11.47 19.11
C SER D 88 2.48 10.71 17.79
N PRO D 89 1.46 9.88 17.58
CA PRO D 89 1.44 8.89 16.51
C PRO D 89 1.69 9.40 15.10
N ALA D 90 1.19 10.57 14.77
CA ALA D 90 1.47 11.20 13.47
C ALA D 90 2.71 12.10 13.37
N PHE D 91 3.28 12.50 14.51
CA PHE D 91 4.38 13.46 14.57
C PHE D 91 5.72 12.96 15.05
N ASP D 92 5.78 12.15 16.11
CA ASP D 92 7.05 11.65 16.63
C ASP D 92 7.84 10.92 15.54
N PRO D 93 9.11 11.22 15.26
CA PRO D 93 9.86 10.71 14.12
C PRO D 93 9.85 9.19 13.95
N ARG D 94 9.86 8.51 15.09
CA ARG D 94 9.79 7.03 15.11
C ARG D 94 8.40 6.49 14.73
N LEU D 95 7.33 7.21 15.05
CA LEU D 95 5.98 6.77 14.69
C LEU D 95 5.40 7.32 13.39
N SER D 96 5.66 8.59 13.06
CA SER D 96 5.12 9.30 11.89
C SER D 96 5.17 8.65 10.49
N HIS D 97 6.09 7.73 10.29
CA HIS D 97 6.21 7.04 9.02
C HIS D 97 5.78 5.58 8.98
N THR D 98 5.31 5.04 10.10
CA THR D 98 4.72 3.69 10.16
C THR D 98 3.40 3.73 9.39
N MET D 99 2.74 2.64 8.98
CA MET D 99 1.44 2.76 8.29
C MET D 99 0.39 3.53 9.10
N LEU D 100 0.35 3.38 10.43
CA LEU D 100 -0.53 4.17 11.28
C LEU D 100 -0.23 5.66 11.14
N GLY D 101 1.04 5.99 11.33
CA GLY D 101 1.52 7.37 11.22
C GLY D 101 1.16 8.00 9.88
N GLU D 102 1.36 7.25 8.80
CA GLU D 102 1.03 7.73 7.46
C GLU D 102 -0.44 8.04 7.19
N VAL D 103 -1.37 7.16 7.58
CA VAL D 103 -2.80 7.42 7.45
C VAL D 103 -3.17 8.62 8.31
N LEU D 104 -2.72 8.67 9.57
CA LEU D 104 -2.97 9.82 10.44
C LEU D 104 -2.45 11.15 9.91
N ASN D 105 -1.38 11.14 9.14
CA ASN D 105 -0.88 12.35 8.48
C ASN D 105 -1.73 12.88 7.32
N TYR D 106 -2.80 12.18 6.98
CA TYR D 106 -3.81 12.69 6.04
C TYR D 106 -5.05 13.22 6.75
N TYR D 107 -5.01 13.18 8.10
CA TYR D 107 -6.10 13.67 8.93
C TYR D 107 -5.59 14.68 9.96
N THR D 108 -6.42 15.58 10.43
CA THR D 108 -6.02 16.56 11.44
C THR D 108 -6.24 16.09 12.89
N HIS D 109 -7.23 15.23 13.12
CA HIS D 109 -7.57 14.79 14.48
C HIS D 109 -7.60 13.27 14.66
N TRP D 110 -7.00 12.74 15.73
CA TRP D 110 -7.07 11.33 16.04
C TRP D 110 -7.63 11.05 17.44
N ALA D 111 -8.16 9.85 17.67
CA ALA D 111 -8.64 9.43 18.98
C ALA D 111 -8.66 7.90 19.10
N GLY D 112 -8.50 7.35 20.30
CA GLY D 112 -8.51 5.92 20.50
C GLY D 112 -7.27 5.31 21.12
N SER D 113 -7.40 4.02 21.45
CA SER D 113 -6.28 3.24 22.00
C SER D 113 -5.33 2.63 20.98
N LEU D 114 -4.06 2.64 21.32
CA LEU D 114 -2.98 2.11 20.50
C LEU D 114 -2.31 0.90 21.14
N LYS D 115 -1.65 0.04 20.37
CA LYS D 115 -0.90 -1.07 20.94
C LYS D 115 0.46 -1.32 20.29
N PHE D 116 1.39 -1.41 21.21
CA PHE D 116 2.79 -1.66 20.87
C PHE D 116 3.18 -3.11 21.11
N THR D 117 3.67 -3.76 20.06
CA THR D 117 4.11 -5.13 20.19
C THR D 117 5.59 -5.29 19.93
N PHE D 118 6.33 -5.81 20.93
CA PHE D 118 7.77 -6.03 20.79
C PHE D 118 8.15 -7.49 20.57
N LEU D 119 9.05 -7.69 19.63
CA LEU D 119 9.58 -9.00 19.27
C LEU D 119 11.04 -9.23 19.65
N PHE D 120 11.27 -10.25 20.48
CA PHE D 120 12.63 -10.60 20.85
C PHE D 120 13.31 -11.48 19.81
N CYS D 121 14.29 -10.93 19.09
CA CYS D 121 14.99 -11.70 18.06
C CYS D 121 16.33 -12.29 18.49
N GLY D 122 16.40 -12.68 19.74
CA GLY D 122 17.61 -13.29 20.30
C GLY D 122 17.67 -14.81 20.11
N SER D 123 18.68 -15.49 20.64
CA SER D 123 18.72 -16.95 20.57
C SER D 123 17.75 -17.61 21.56
N MET D 124 17.30 -18.84 21.35
CA MET D 124 16.37 -19.49 22.29
C MET D 124 16.94 -19.72 23.68
N MET D 125 18.26 -19.85 23.76
CA MET D 125 18.94 -20.01 25.04
C MET D 125 18.99 -18.76 25.92
N ALA D 126 18.56 -17.63 25.37
CA ALA D 126 18.49 -16.36 26.05
C ALA D 126 17.23 -16.05 26.84
N THR D 127 17.39 -15.62 28.09
CA THR D 127 16.26 -15.27 28.94
C THR D 127 16.28 -13.81 29.39
N GLY D 128 15.21 -13.28 29.97
CA GLY D 128 15.21 -11.93 30.48
C GLY D 128 13.82 -11.38 30.80
N LYS D 129 13.73 -10.46 31.76
CA LYS D 129 12.46 -9.82 32.01
C LYS D 129 12.55 -8.32 31.77
N ILE D 130 11.64 -7.81 30.93
CA ILE D 130 11.60 -6.39 30.57
C ILE D 130 10.32 -5.68 31.01
N LEU D 131 10.42 -4.45 31.48
CA LEU D 131 9.25 -3.63 31.79
C LEU D 131 9.09 -2.57 30.71
N VAL D 132 7.89 -2.53 30.16
CA VAL D 132 7.56 -1.51 29.18
C VAL D 132 6.40 -0.68 29.72
N ALA D 133 6.49 0.63 29.56
CA ALA D 133 5.56 1.56 30.17
C ALA D 133 5.02 2.78 29.42
N TYR D 134 3.85 3.24 29.90
CA TYR D 134 3.15 4.40 29.41
C TYR D 134 2.69 5.27 30.57
N ALA D 135 3.22 6.48 30.52
CA ALA D 135 2.88 7.53 31.45
C ALA D 135 1.97 8.55 30.77
N PRO D 136 0.70 8.69 31.16
CA PRO D 136 -0.12 9.82 30.74
C PRO D 136 0.47 11.19 31.03
N PRO D 137 0.20 12.21 30.20
CA PRO D 137 0.90 13.49 30.25
C PRO D 137 0.81 14.31 31.53
N GLY D 138 1.64 15.33 31.71
CA GLY D 138 1.49 16.23 32.85
C GLY D 138 2.58 16.21 33.91
N ALA D 139 3.30 15.12 34.04
CA ALA D 139 4.40 15.06 34.97
C ALA D 139 5.77 14.97 34.30
N GLN D 140 6.82 14.75 35.07
CA GLN D 140 8.16 14.57 34.54
C GLN D 140 8.31 13.28 33.74
N PRO D 141 8.72 13.33 32.47
CA PRO D 141 8.99 12.15 31.67
C PRO D 141 9.97 11.18 32.31
N PRO D 142 9.61 9.90 32.46
CA PRO D 142 10.40 8.94 33.20
C PRO D 142 11.84 8.71 32.78
N THR D 143 12.73 8.94 33.75
CA THR D 143 14.16 8.64 33.56
C THR D 143 14.62 7.39 34.28
N SER D 144 13.81 6.89 35.19
CA SER D 144 14.10 5.69 35.95
C SER D 144 12.95 4.68 35.96
N ARG D 145 13.24 3.38 35.98
CA ARG D 145 12.20 2.33 36.12
C ARG D 145 11.29 2.60 37.32
N LYS D 146 11.87 3.08 38.42
CA LYS D 146 11.13 3.46 39.61
C LYS D 146 9.97 4.41 39.27
N GLU D 147 10.25 5.43 38.48
CA GLU D 147 9.17 6.32 38.06
C GLU D 147 8.23 5.69 37.03
N ALA D 148 8.79 4.97 36.06
CA ALA D 148 7.98 4.31 35.04
C ALA D 148 7.01 3.26 35.53
N MET D 149 7.42 2.52 36.58
CA MET D 149 6.58 1.53 37.25
C MET D 149 5.21 2.09 37.64
N LEU D 150 5.18 3.35 38.10
CA LEU D 150 3.99 4.04 38.58
C LEU D 150 2.87 4.34 37.60
N GLY D 151 3.18 4.26 36.32
CA GLY D 151 2.19 4.42 35.28
C GLY D 151 1.71 3.10 34.67
N THR D 152 1.03 3.19 33.54
CA THR D 152 0.53 2.00 32.85
C THR D 152 1.69 1.15 32.38
N HIS D 153 1.78 -0.13 32.77
CA HIS D 153 2.92 -0.95 32.34
C HIS D 153 2.76 -2.46 32.26
N VAL D 154 3.54 -3.07 31.39
CA VAL D 154 3.55 -4.52 31.23
C VAL D 154 4.94 -5.08 31.52
N ILE D 155 5.01 -6.06 32.41
CA ILE D 155 6.28 -6.74 32.67
C ILE D 155 6.30 -8.02 31.81
N TRP D 156 7.11 -7.88 30.78
CA TRP D 156 7.38 -8.90 29.78
C TRP D 156 8.40 -9.95 30.17
N ASP D 157 7.95 -11.20 30.28
CA ASP D 157 8.90 -12.28 30.49
C ASP D 157 9.25 -12.97 29.19
N LEU D 158 10.52 -12.98 28.79
CA LEU D 158 10.89 -13.66 27.55
C LEU D 158 10.74 -15.19 27.63
N GLY D 159 10.35 -15.82 26.53
CA GLY D 159 10.17 -17.26 26.49
C GLY D 159 9.64 -17.76 25.15
N LEU D 160 8.97 -18.91 25.08
CA LEU D 160 8.47 -19.48 23.82
C LEU D 160 7.54 -18.54 23.06
N GLN D 161 6.66 -17.83 23.78
CA GLN D 161 5.88 -16.78 23.15
C GLN D 161 6.85 -15.60 23.09
N SER D 162 7.38 -15.47 21.90
CA SER D 162 8.37 -14.47 21.52
C SER D 162 8.13 -12.98 21.72
N SER D 163 6.86 -12.65 21.65
CA SER D 163 6.43 -11.25 21.60
C SER D 163 5.53 -10.80 22.73
N CYS D 164 5.60 -9.52 23.09
CA CYS D 164 4.71 -8.97 24.13
C CYS D 164 3.97 -7.75 23.61
N THR D 165 2.72 -7.58 24.02
CA THR D 165 1.94 -6.42 23.62
C THR D 165 1.53 -5.54 24.80
N MET D 166 1.92 -4.29 24.72
CA MET D 166 1.43 -3.29 25.65
C MET D 166 0.36 -2.43 24.98
N VAL D 167 -0.86 -2.43 25.52
CA VAL D 167 -1.87 -1.54 25.00
C VAL D 167 -1.79 -0.17 25.69
N VAL D 168 -1.67 0.89 24.90
CA VAL D 168 -1.75 2.26 25.37
C VAL D 168 -3.24 2.70 25.38
N PRO D 169 -3.91 2.71 26.53
CA PRO D 169 -5.34 2.98 26.60
C PRO D 169 -5.70 4.44 26.26
N TRP D 170 -6.79 4.74 25.58
CA TRP D 170 -7.19 6.13 25.39
C TRP D 170 -7.47 6.84 26.73
N ILE D 171 -6.48 7.60 27.15
CA ILE D 171 -6.59 8.46 28.32
C ILE D 171 -6.29 9.88 27.87
N SER D 172 -7.32 10.70 27.70
CA SER D 172 -7.15 12.10 27.29
C SER D 172 -8.22 13.02 27.86
N ASN D 173 -7.95 14.31 27.86
CA ASN D 173 -8.92 15.30 28.28
C ASN D 173 -9.87 15.65 27.13
N VAL D 174 -9.32 15.95 25.97
CA VAL D 174 -10.12 16.30 24.80
C VAL D 174 -10.68 15.05 24.14
N THR D 175 -11.79 15.15 23.42
CA THR D 175 -12.37 13.97 22.75
C THR D 175 -11.57 13.48 21.55
N TYR D 176 -10.80 14.36 20.97
CA TYR D 176 -9.89 14.11 19.85
C TYR D 176 -8.59 14.91 19.97
N ARG D 177 -7.45 14.26 19.87
CA ARG D 177 -6.16 14.92 19.87
C ARG D 177 -5.74 15.39 18.46
N GLN D 178 -4.83 16.33 18.37
CA GLN D 178 -4.30 16.74 17.07
C GLN D 178 -3.25 15.80 16.48
N THR D 179 -3.19 15.63 15.16
CA THR D 179 -2.13 14.80 14.59
C THR D 179 -0.77 15.50 14.64
N THR D 180 -0.75 16.82 14.66
CA THR D 180 0.49 17.57 14.92
C THR D 180 0.94 17.71 16.36
N GLN D 181 2.19 18.14 16.52
CA GLN D 181 2.70 18.40 17.85
C GLN D 181 2.07 19.61 18.52
N ASP D 182 1.54 19.37 19.70
CA ASP D 182 0.89 20.39 20.48
C ASP D 182 0.68 20.04 21.96
N SER D 183 1.35 20.74 22.88
CA SER D 183 1.19 20.54 24.32
C SER D 183 -0.22 20.48 24.88
N PHE D 184 -1.15 21.27 24.31
CA PHE D 184 -2.55 21.20 24.71
C PHE D 184 -3.22 19.84 24.42
N THR D 185 -2.84 19.18 23.32
CA THR D 185 -3.41 17.87 23.02
C THR D 185 -2.36 16.77 23.06
N GLU D 186 -1.41 16.87 23.98
CA GLU D 186 -0.35 15.88 24.08
C GLU D 186 -0.75 14.50 24.61
N GLY D 187 -0.12 13.44 24.11
CA GLY D 187 -0.43 12.07 24.53
C GLY D 187 0.38 11.43 25.66
N GLY D 188 1.53 11.96 26.08
CA GLY D 188 2.30 11.32 27.14
C GLY D 188 3.56 10.57 26.69
N TYR D 189 4.05 9.70 27.55
CA TYR D 189 5.37 9.08 27.36
C TYR D 189 5.48 7.57 27.37
N ILE D 190 6.17 7.01 26.39
CA ILE D 190 6.47 5.58 26.37
C ILE D 190 7.94 5.29 26.70
N SER D 191 8.18 4.33 27.58
CA SER D 191 9.53 3.98 27.98
C SER D 191 9.76 2.49 28.26
N MET D 192 11.00 2.05 28.11
CA MET D 192 11.35 0.66 28.35
C MET D 192 12.57 0.44 29.28
N PHE D 193 12.48 -0.49 30.21
CA PHE D 193 13.53 -0.79 31.18
C PHE D 193 13.76 -2.26 31.47
N TYR D 194 14.95 -2.63 31.92
CA TYR D 194 15.22 -4.02 32.32
C TYR D 194 14.62 -4.36 33.69
N GLN D 195 13.69 -5.31 33.75
CA GLN D 195 13.11 -5.68 35.05
C GLN D 195 14.10 -6.50 35.84
N THR D 196 14.74 -7.41 35.14
CA THR D 196 15.86 -8.15 35.69
C THR D 196 17.02 -7.85 34.74
N ARG D 197 17.42 -8.73 33.83
CA ARG D 197 18.41 -8.49 32.80
C ARG D 197 18.43 -9.65 31.81
N ILE D 198 19.03 -9.44 30.64
CA ILE D 198 19.19 -10.49 29.66
C ILE D 198 20.24 -11.46 30.22
N VAL D 199 19.93 -12.75 30.36
CA VAL D 199 20.91 -13.70 30.82
C VAL D 199 21.08 -14.79 29.76
N VAL D 200 22.31 -14.97 29.30
CA VAL D 200 22.64 -16.07 28.38
C VAL D 200 23.61 -17.08 28.97
N PRO D 201 23.69 -18.30 28.46
CA PRO D 201 24.75 -19.23 28.81
C PRO D 201 26.03 -18.91 28.05
N LEU D 202 27.10 -19.68 28.32
CA LEU D 202 28.32 -19.55 27.53
C LEU D 202 28.12 -20.04 26.09
N SER D 203 29.00 -19.73 25.14
CA SER D 203 28.87 -20.09 23.71
C SER D 203 27.63 -19.56 22.99
N THR D 204 27.01 -18.58 23.62
CA THR D 204 25.81 -17.94 23.10
C THR D 204 26.12 -16.47 22.82
N PRO D 205 25.55 -15.77 21.84
CA PRO D 205 25.55 -14.32 21.79
C PRO D 205 24.95 -13.56 22.96
N LYS D 206 25.79 -12.66 23.45
CA LYS D 206 25.49 -11.79 24.58
C LYS D 206 24.70 -10.54 24.24
N SER D 207 24.59 -10.30 22.94
CA SER D 207 23.90 -9.15 22.34
C SER D 207 22.92 -9.51 21.25
N MET D 208 21.75 -8.90 21.24
CA MET D 208 20.75 -9.23 20.24
C MET D 208 19.73 -8.13 19.94
N SER D 209 19.05 -8.24 18.81
CA SER D 209 18.03 -7.26 18.47
C SER D 209 16.61 -7.52 18.92
N MET D 210 15.96 -6.41 19.19
CA MET D 210 14.56 -6.33 19.50
C MET D 210 13.91 -5.50 18.41
N LEU D 211 12.79 -5.98 17.90
CA LEU D 211 12.00 -5.25 16.92
C LEU D 211 10.71 -4.74 17.53
N GLY D 212 10.24 -3.56 17.12
CA GLY D 212 9.00 -3.01 17.67
C GLY D 212 7.89 -2.80 16.63
N PHE D 213 6.63 -3.04 16.97
CA PHE D 213 5.51 -2.87 16.06
C PHE D 213 4.40 -1.97 16.61
N VAL D 214 3.68 -1.23 15.78
CA VAL D 214 2.57 -0.44 16.29
C VAL D 214 1.32 -0.51 15.42
N SER D 215 0.20 -0.59 16.12
CA SER D 215 -1.10 -0.54 15.45
C SER D 215 -2.24 -0.02 16.33
N ALA D 216 -3.35 0.28 15.67
CA ALA D 216 -4.53 0.79 16.32
C ALA D 216 -5.51 -0.22 16.91
N CYS D 217 -5.94 -0.09 18.16
CA CYS D 217 -6.97 -0.97 18.70
C CYS D 217 -8.33 -0.64 18.05
N ASN D 218 -9.33 -1.52 18.03
CA ASN D 218 -10.60 -1.22 17.36
C ASN D 218 -11.46 0.00 17.73
N ASP D 219 -11.07 0.74 18.75
CA ASP D 219 -11.80 1.96 19.17
C ASP D 219 -11.24 3.21 18.54
N PHE D 220 -10.23 3.03 17.70
CA PHE D 220 -9.51 4.14 17.09
C PHE D 220 -10.18 4.86 15.91
N SER D 221 -10.22 6.16 15.89
CA SER D 221 -10.75 6.89 14.73
C SER D 221 -10.03 8.19 14.41
N VAL D 222 -10.24 8.66 13.19
CA VAL D 222 -9.64 9.90 12.68
C VAL D 222 -10.63 10.82 11.97
N ARG D 223 -10.42 12.14 12.04
CA ARG D 223 -11.27 13.08 11.30
C ARG D 223 -10.56 14.35 10.80
N LEU D 224 -11.27 15.12 9.97
CA LEU D 224 -10.82 16.29 9.20
C LEU D 224 -9.69 15.96 8.23
N LEU D 225 -10.07 15.53 7.02
CA LEU D 225 -9.11 15.18 5.98
C LEU D 225 -8.27 16.38 5.54
N ARG D 226 -6.99 16.14 5.37
CA ARG D 226 -6.01 17.15 5.01
C ARG D 226 -4.83 16.61 4.22
N ASP D 227 -4.14 17.49 3.51
CA ASP D 227 -2.94 17.11 2.79
C ASP D 227 -1.73 16.85 3.67
N THR D 228 -0.96 15.87 3.29
CA THR D 228 0.20 15.47 4.07
C THR D 228 1.48 16.23 3.81
N THR D 229 2.25 16.43 4.86
CA THR D 229 3.61 16.98 4.72
C THR D 229 4.60 15.92 4.23
N HIS D 230 4.21 14.64 4.16
CA HIS D 230 5.13 13.58 3.75
C HIS D 230 5.40 13.35 2.28
N ILE D 231 4.80 14.14 1.40
CA ILE D 231 5.10 14.13 -0.03
C ILE D 231 5.10 15.56 -0.55
N SER D 232 5.91 15.86 -1.53
CA SER D 232 5.94 17.19 -2.12
C SER D 232 6.43 17.22 -3.56
N GLN D 233 6.45 18.35 -4.24
CA GLN D 233 6.92 18.43 -5.61
C GLN D 233 7.48 19.78 -6.01
N SER D 234 8.70 19.78 -6.57
CA SER D 234 9.35 21.00 -7.05
C SER D 234 8.90 21.56 -8.38
N ALA D 235 9.14 22.83 -8.67
CA ALA D 235 8.73 23.48 -9.93
C ALA D 235 9.27 22.90 -11.24
N GLY E 1 -39.62 9.39 -8.46
CA GLY E 1 -38.33 8.72 -8.27
C GLY E 1 -37.41 9.29 -7.19
N ALA E 2 -37.86 10.28 -6.43
CA ALA E 2 -37.08 10.86 -5.33
C ALA E 2 -36.70 9.90 -4.20
N GLN E 3 -35.46 10.07 -3.79
CA GLN E 3 -34.83 9.27 -2.74
C GLN E 3 -34.70 10.03 -1.42
N VAL E 4 -35.24 9.52 -0.31
CA VAL E 4 -35.22 10.24 0.96
C VAL E 4 -34.53 9.52 2.11
N SER E 5 -33.53 10.17 2.68
CA SER E 5 -32.75 9.57 3.76
C SER E 5 -32.50 10.45 4.96
N SER E 6 -32.25 9.83 6.11
CA SER E 6 -31.88 10.60 7.30
C SER E 6 -30.45 11.09 7.31
N GLN E 7 -30.26 12.33 7.75
CA GLN E 7 -28.94 12.86 7.96
C GLN E 7 -28.42 12.48 9.33
N LYS E 8 -27.14 12.20 9.51
CA LYS E 8 -26.60 12.02 10.85
C LYS E 8 -26.35 13.42 11.49
N VAL E 9 -27.31 13.98 12.19
CA VAL E 9 -27.15 15.33 12.74
C VAL E 9 -26.09 15.53 13.84
N GLY E 10 -25.06 16.29 13.51
CA GLY E 10 -24.04 16.71 14.48
C GLY E 10 -24.55 17.78 15.46
N ALA E 11 -24.22 19.06 15.28
CA ALA E 11 -24.77 20.14 16.12
C ALA E 11 -26.27 20.46 15.88
N HIS E 12 -27.08 20.29 16.93
CA HIS E 12 -28.53 20.49 16.90
C HIS E 12 -28.98 21.87 17.38
N GLU E 13 -29.79 22.51 16.57
CA GLU E 13 -30.42 23.77 16.90
C GLU E 13 -31.46 23.62 18.01
N ASN E 14 -31.79 24.63 18.83
CA ASN E 14 -32.82 24.46 19.84
C ASN E 14 -34.27 24.46 19.33
N SER E 15 -34.62 23.49 18.50
CA SER E 15 -35.96 23.39 17.90
C SER E 15 -37.01 22.44 18.45
N SER E 22 -34.46 15.38 17.36
CA SER E 22 -35.32 14.73 16.36
C SER E 22 -34.69 14.39 15.00
N THR E 23 -35.35 13.57 14.17
CA THR E 23 -34.79 13.10 12.90
C THR E 23 -34.97 14.01 11.69
N ILE E 24 -33.86 14.41 11.08
CA ILE E 24 -33.88 15.28 9.92
C ILE E 24 -33.47 14.58 8.62
N ASN E 25 -34.18 14.84 7.53
CA ASN E 25 -33.88 14.20 6.25
C ASN E 25 -33.39 15.11 5.14
N TYR E 26 -32.93 14.48 4.08
CA TYR E 26 -32.59 15.17 2.86
C TYR E 26 -33.08 14.39 1.63
N THR E 27 -33.21 15.10 0.53
CA THR E 27 -33.73 14.47 -0.66
C THR E 27 -32.78 14.45 -1.85
N THR E 28 -32.77 13.35 -2.57
CA THR E 28 -31.91 13.17 -3.75
C THR E 28 -32.65 12.67 -4.97
N ILE E 29 -32.42 13.27 -6.12
CA ILE E 29 -33.01 12.86 -7.40
C ILE E 29 -31.92 12.77 -8.49
N ASN E 30 -31.67 11.59 -9.05
CA ASN E 30 -30.78 11.48 -10.20
C ASN E 30 -31.46 12.02 -11.46
N TYR E 31 -30.77 12.91 -12.14
CA TYR E 31 -31.26 13.53 -13.36
C TYR E 31 -30.79 12.86 -14.64
N TYR E 32 -29.72 12.07 -14.54
CA TYR E 32 -29.13 11.49 -15.73
C TYR E 32 -29.24 9.98 -15.83
N LYS E 33 -29.31 9.46 -17.07
CA LYS E 33 -29.32 8.02 -17.31
C LYS E 33 -28.06 7.26 -16.89
N ASP E 34 -26.89 7.81 -17.22
CA ASP E 34 -25.65 7.16 -16.86
C ASP E 34 -25.32 7.20 -15.36
N SER E 35 -25.22 6.09 -14.64
CA SER E 35 -24.84 6.14 -13.22
C SER E 35 -23.50 6.83 -12.93
N ALA E 36 -22.60 6.88 -13.92
CA ALA E 36 -21.38 7.67 -13.82
C ALA E 36 -21.62 9.16 -13.48
N SER E 37 -22.68 9.73 -14.04
CA SER E 37 -23.13 11.09 -13.75
C SER E 37 -23.55 11.41 -12.32
N ASN E 38 -23.82 10.36 -11.56
CA ASN E 38 -24.33 10.48 -10.20
C ASN E 38 -23.36 10.98 -9.14
N ALA E 39 -23.87 11.74 -8.20
CA ALA E 39 -23.06 12.11 -7.05
C ALA E 39 -22.71 10.90 -6.16
N ALA E 40 -21.92 11.04 -5.11
CA ALA E 40 -21.66 9.93 -4.21
C ALA E 40 -22.70 9.76 -3.12
N SER E 41 -23.28 8.58 -2.92
CA SER E 41 -24.19 8.32 -1.79
C SER E 41 -23.57 8.47 -0.41
N LYS E 42 -22.25 8.29 -0.28
CA LYS E 42 -21.52 8.35 1.00
C LYS E 42 -22.00 7.57 2.21
N GLN E 43 -22.96 6.68 2.01
CA GLN E 43 -23.46 5.77 3.04
C GLN E 43 -22.68 4.48 2.85
N ASP E 44 -21.47 4.46 3.38
CA ASP E 44 -20.62 3.34 3.12
C ASP E 44 -20.38 2.37 4.26
N TYR E 45 -20.67 1.13 3.94
CA TYR E 45 -20.51 0.08 4.93
C TYR E 45 -19.05 -0.27 5.21
N SER E 46 -18.82 -0.82 6.37
CA SER E 46 -17.50 -1.20 6.81
C SER E 46 -17.28 -2.70 6.85
N GLN E 47 -16.05 -3.14 7.01
CA GLN E 47 -15.78 -4.58 7.11
C GLN E 47 -14.72 -4.91 8.14
N ASP E 48 -14.45 -6.19 8.29
CA ASP E 48 -13.41 -6.68 9.18
C ASP E 48 -12.00 -6.43 8.62
N PRO E 49 -11.04 -5.93 9.40
CA PRO E 49 -9.63 -5.95 9.05
C PRO E 49 -9.04 -7.35 8.97
N SER E 50 -9.66 -8.38 9.55
CA SER E 50 -9.17 -9.76 9.56
C SER E 50 -8.44 -10.34 8.38
N LYS E 51 -8.83 -10.08 7.12
CA LYS E 51 -8.08 -10.59 5.98
C LYS E 51 -6.65 -10.02 5.92
N PHE E 52 -6.43 -8.88 6.58
CA PHE E 52 -5.13 -8.25 6.74
C PHE E 52 -4.48 -8.46 8.12
N THR E 53 -5.27 -8.31 9.18
CA THR E 53 -4.75 -8.48 10.56
C THR E 53 -4.59 -9.91 11.07
N GLU E 54 -5.39 -10.82 10.52
CA GLU E 54 -5.35 -12.24 10.86
C GLU E 54 -5.48 -13.23 9.70
N PRO E 55 -4.64 -13.21 8.68
CA PRO E 55 -4.73 -14.10 7.52
C PRO E 55 -4.32 -15.53 7.83
N LEU E 56 -4.56 -16.05 9.03
CA LEU E 56 -4.11 -17.35 9.41
C LEU E 56 -5.05 -18.47 9.04
N LYS E 57 -4.48 -19.62 8.72
CA LYS E 57 -5.29 -20.79 8.42
C LYS E 57 -5.98 -21.28 9.68
N ASP E 58 -5.27 -21.31 10.79
CA ASP E 58 -5.88 -21.60 12.08
C ASP E 58 -5.89 -20.35 12.96
N VAL E 59 -6.92 -19.51 12.81
CA VAL E 59 -7.03 -18.31 13.64
C VAL E 59 -7.28 -18.66 15.08
N LEU E 60 -6.38 -18.16 15.92
CA LEU E 60 -6.46 -18.43 17.33
C LEU E 60 -7.01 -17.33 18.22
N ILE E 61 -7.67 -17.79 19.29
CA ILE E 61 -8.22 -16.93 20.33
C ILE E 61 -7.13 -16.17 21.12
N LYS E 62 -7.21 -14.84 21.22
CA LYS E 62 -6.24 -14.02 21.96
C LYS E 62 -5.82 -14.42 23.39
N THR E 63 -6.63 -15.14 24.17
CA THR E 63 -6.24 -15.54 25.54
C THR E 63 -5.38 -16.80 25.62
N ALA E 64 -5.28 -17.52 24.50
CA ALA E 64 -4.53 -18.76 24.42
C ALA E 64 -3.14 -18.61 23.79
N PRO E 65 -2.16 -19.52 23.90
CA PRO E 65 -0.84 -19.31 23.31
C PRO E 65 -0.84 -19.23 21.78
N ALA E 66 -0.20 -18.19 21.23
CA ALA E 66 -0.09 -18.05 19.77
C ALA E 66 0.58 -19.26 19.12
N LEU E 67 1.63 -19.67 19.80
CA LEU E 67 2.29 -20.92 19.47
C LEU E 67 2.04 -21.96 20.53
N ASN E 68 1.71 -23.12 20.03
CA ASN E 68 1.38 -24.24 20.87
C ASN E 68 1.88 -25.51 20.17
O1 W71 F . -6.62 5.33 -12.86
N2 W71 F . -5.53 4.57 -13.02
C3 W71 F . -4.90 4.98 -14.13
C31 W71 F . -3.62 4.37 -14.67
C4 W71 F . -5.58 6.02 -14.67
C5 W71 F . -6.68 6.28 -13.93
C1C W71 F . -7.72 7.32 -14.27
C2C W71 F . -8.42 6.95 -15.56
C3C W71 F . -9.44 7.97 -16.03
C4C W71 F . -9.64 7.66 -17.49
C5C W71 F . -10.54 8.66 -18.15
C6C W71 F . -10.46 8.48 -19.66
C7C W71 F . -11.36 9.49 -20.33
O1B W71 F . -11.02 10.80 -19.89
C1B W71 F . -11.74 11.84 -20.42
C2B W71 F . -12.73 11.65 -21.39
C3B W71 F . -13.41 12.74 -21.89
C4B W71 F . -13.12 14.04 -21.45
C5B W71 F . -12.13 14.23 -20.48
C6B W71 F . -11.44 13.13 -19.97
C2A W71 F . -13.78 15.12 -22.00
N3A W71 F . -14.72 14.99 -22.94
C4A W71 F . -15.22 16.26 -23.39
C5A W71 F . -14.13 17.19 -22.86
O1A W71 F . -13.53 16.49 -21.74
C1 MYR G . -39.70 10.61 -9.01
O1 MYR G . -38.68 11.25 -9.24
C2 MYR G . -41.06 11.20 -9.22
C3 MYR G . -41.21 12.58 -8.58
C4 MYR G . -40.53 13.69 -9.35
C5 MYR G . -40.84 15.00 -8.63
C6 MYR G . -40.52 16.22 -9.48
C7 MYR G . -39.06 16.26 -9.87
C8 MYR G . -38.64 17.58 -10.48
C9 MYR G . -37.24 17.37 -11.04
C10 MYR G . -37.26 16.47 -12.28
C11 MYR G . -35.89 16.39 -12.93
C12 MYR G . -35.90 15.81 -14.34
C13 MYR G . -34.45 15.83 -14.85
C14 MYR G . -34.25 15.23 -16.25
#